data_3TF7
#
_entry.id   3TF7
#
_cell.length_a   102.487
_cell.length_b   109.793
_cell.length_c   213.590
_cell.angle_alpha   90.00
_cell.angle_beta   90.00
_cell.angle_gamma   90.00
#
_symmetry.space_group_name_H-M   'P 21 21 21'
#
loop_
_entity.id
_entity.type
_entity.pdbx_description
1 polymer 'H2-Ld SBM2'
2 polymer 'QL9 peptide (QLSPFPFDL)'
3 polymer '42F3 Mut7 scFv (42F3 alpha chain, linker, 42F3 beta chain)'
4 non-polymer GLYCEROL
#
loop_
_entity_poly.entity_id
_entity_poly.type
_entity_poly.pdbx_seq_one_letter_code
_entity_poly.pdbx_strand_id
1 'polypeptide(L)'
;MGPHSMRYYETATSRRGLGEPRYTSVGYVDDKEFVRFDSDAENPRYEPQVPWMEQEGPEYWERITQVAKGQEQWFRVNLR
TLLGYYNQSAGGTHTLQRMYGCDVGSDGRLLRGYEQFAYDGCDYIALNEDLRTWTAADMAAQITRRKWEQAGAAEYYRAY
LEGECVEWLHRYLKNGNATL
;
E,A
2 'polypeptide(L)' QLSPFPFDL F,B
3 'polypeptide(L)'
;MGAQSVTQPDARVTVSEGASLQLRCKYSYSATPYLFWYVQYPRQGPQMLLKYYSGDPVVQGVNGFEAEFSKSDSSFHLRK
ASVHRSDSAVYFCAVSAKGTGSKLSFGKGAKLTVSPGGGGSGGGGSGGGGSGGGGSEAAVTQSPRNKVTVTGENVTLSCR
QTNSHNYMYWYRQDTGHELRLIYYSYGAGNLQIGDVPDGYKATRTTQEDFFLTLESASPSQTSLYFCASSDAPGQLYFGE
GSKLTVLELEHHHHHH
;
C,G,I,K
#
# COMPACT_ATOMS: atom_id res chain seq x y z
N PRO A 3 -32.95 -27.79 -18.92
CA PRO A 3 -33.38 -27.28 -17.62
C PRO A 3 -32.42 -27.66 -16.50
N HIS A 4 -31.60 -26.69 -16.06
CA HIS A 4 -30.56 -26.94 -15.07
C HIS A 4 -30.58 -25.88 -13.95
N SER A 5 -30.03 -26.21 -12.79
CA SER A 5 -30.05 -25.28 -11.65
C SER A 5 -28.75 -25.24 -10.85
N MET A 6 -28.45 -24.07 -10.29
CA MET A 6 -27.32 -23.89 -9.38
C MET A 6 -27.79 -23.26 -8.08
N ARG A 7 -27.39 -23.84 -6.95
CA ARG A 7 -27.84 -23.33 -5.65
C ARG A 7 -26.74 -23.28 -4.58
N TYR A 8 -26.90 -22.36 -3.62
CA TYR A 8 -26.04 -22.27 -2.46
C TYR A 8 -26.84 -22.10 -1.19
N TYR A 9 -26.53 -22.88 -0.17
CA TYR A 9 -27.20 -22.76 1.12
C TYR A 9 -26.21 -22.33 2.21
N GLU A 10 -26.40 -21.12 2.74
CA GLU A 10 -25.57 -20.63 3.82
C GLU A 10 -26.35 -20.65 5.13
N THR A 11 -25.75 -21.25 6.16
CA THR A 11 -26.43 -21.42 7.44
C THR A 11 -25.51 -21.02 8.59
N ALA A 12 -26.06 -20.30 9.56
CA ALA A 12 -25.32 -19.95 10.77
C ALA A 12 -26.14 -20.23 12.02
N THR A 13 -25.55 -20.91 12.98
CA THR A 13 -26.24 -21.26 14.23
C THR A 13 -25.55 -20.70 15.47
N SER A 14 -26.32 -20.04 16.32
CA SER A 14 -25.81 -19.48 17.57
C SER A 14 -25.43 -20.54 18.60
N ARG A 15 -24.38 -20.26 19.37
CA ARG A 15 -23.94 -21.15 20.45
C ARG A 15 -23.94 -20.42 21.79
N ARG A 16 -24.52 -21.04 22.82
CA ARG A 16 -24.61 -20.41 24.13
C ARG A 16 -23.22 -20.14 24.70
N GLY A 17 -22.97 -18.87 24.99
CA GLY A 17 -21.77 -18.46 25.70
C GLY A 17 -20.54 -18.56 24.85
N LEU A 18 -20.37 -19.72 24.24
CA LEU A 18 -19.08 -20.17 23.81
C LEU A 18 -18.40 -19.23 22.83
N GLY A 19 -19.12 -18.72 21.84
CA GLY A 19 -18.42 -17.96 20.83
C GLY A 19 -19.11 -17.81 19.51
N GLU A 20 -18.32 -17.53 18.49
CA GLU A 20 -18.86 -17.18 17.19
C GLU A 20 -19.66 -18.35 16.67
N PRO A 21 -20.69 -18.04 15.93
CA PRO A 21 -21.66 -19.03 15.48
C PRO A 21 -21.00 -19.97 14.53
N ARG A 22 -21.58 -21.15 14.41
CA ARG A 22 -21.13 -22.16 13.45
C ARG A 22 -21.65 -21.81 12.06
N TYR A 23 -20.74 -21.63 11.11
CA TYR A 23 -21.11 -21.28 9.75
C TYR A 23 -20.94 -22.45 8.78
N THR A 24 -21.96 -22.68 7.97
CA THR A 24 -21.99 -23.73 6.97
C THR A 24 -22.36 -23.16 5.61
N SER A 25 -21.62 -23.56 4.58
CA SER A 25 -21.94 -23.18 3.22
C SER A 25 -21.80 -24.38 2.29
N VAL A 26 -22.93 -24.84 1.76
CA VAL A 26 -22.97 -25.99 0.87
C VAL A 26 -23.63 -25.65 -0.46
N GLY A 27 -22.91 -25.90 -1.56
CA GLY A 27 -23.39 -25.63 -2.91
C GLY A 27 -23.92 -26.87 -3.61
N TYR A 28 -24.85 -26.65 -4.54
CA TYR A 28 -25.47 -27.73 -5.32
C TYR A 28 -25.52 -27.38 -6.80
N VAL A 29 -25.26 -28.38 -7.65
CA VAL A 29 -25.48 -28.28 -9.10
C VAL A 29 -26.43 -29.40 -9.49
N ASP A 30 -27.56 -29.02 -10.10
CA ASP A 30 -28.66 -29.95 -10.42
C ASP A 30 -29.07 -30.77 -9.19
N ASP A 31 -29.14 -30.09 -8.04
CA ASP A 31 -29.47 -30.67 -6.74
C ASP A 31 -28.47 -31.73 -6.25
N LYS A 32 -27.21 -31.56 -6.66
CA LYS A 32 -26.13 -32.44 -6.25
C LYS A 32 -25.02 -31.63 -5.57
N GLU A 33 -24.69 -32.01 -4.33
CA GLU A 33 -23.65 -31.33 -3.57
C GLU A 33 -22.28 -31.48 -4.23
N PHE A 34 -21.62 -30.36 -4.49
CA PHE A 34 -20.33 -30.36 -5.18
C PHE A 34 -19.22 -29.65 -4.39
N VAL A 35 -19.62 -28.81 -3.43
CA VAL A 35 -18.67 -28.01 -2.65
C VAL A 35 -19.22 -27.72 -1.24
N ARG A 36 -18.32 -27.62 -0.26
CA ARG A 36 -18.71 -27.46 1.15
C ARG A 36 -17.71 -26.64 1.97
N PHE A 37 -18.25 -25.79 2.84
CA PHE A 37 -17.46 -25.04 3.83
C PHE A 37 -18.05 -25.26 5.22
N ASP A 38 -17.17 -25.53 6.19
CA ASP A 38 -17.56 -25.68 7.59
C ASP A 38 -16.57 -24.95 8.50
N SER A 39 -17.10 -24.18 9.44
CA SER A 39 -16.27 -23.42 10.39
C SER A 39 -15.80 -24.28 11.57
N ASP A 40 -16.52 -25.37 11.84
CA ASP A 40 -16.15 -26.31 12.89
C ASP A 40 -14.90 -27.13 12.53
N ALA A 41 -14.64 -27.25 11.23
CA ALA A 41 -13.51 -28.02 10.71
C ALA A 41 -12.17 -27.48 11.20
N GLU A 42 -11.21 -28.39 11.38
CA GLU A 42 -9.85 -28.06 11.82
C GLU A 42 -9.23 -26.94 11.00
N ASN A 43 -9.30 -27.07 9.68
CA ASN A 43 -8.90 -26.02 8.76
C ASN A 43 -10.07 -25.57 7.89
N PRO A 44 -10.69 -24.43 8.25
CA PRO A 44 -11.92 -23.99 7.59
C PRO A 44 -11.67 -23.47 6.18
N ARG A 45 -11.99 -24.29 5.18
CA ARG A 45 -11.82 -23.95 3.77
C ARG A 45 -12.93 -24.58 2.94
N TYR A 46 -13.20 -24.00 1.77
CA TYR A 46 -14.04 -24.64 0.77
C TYR A 46 -13.28 -25.81 0.18
N GLU A 47 -13.90 -26.99 0.21
CA GLU A 47 -13.29 -28.21 -0.31
C GLU A 47 -14.22 -28.97 -1.26
N PRO A 48 -13.67 -29.53 -2.34
CA PRO A 48 -14.47 -30.27 -3.31
C PRO A 48 -15.15 -31.48 -2.66
N GLN A 49 -16.44 -31.66 -2.95
CA GLN A 49 -17.20 -32.78 -2.41
C GLN A 49 -17.36 -33.89 -3.45
N VAL A 50 -17.12 -33.54 -4.70
CA VAL A 50 -17.10 -34.49 -5.81
C VAL A 50 -15.74 -34.41 -6.51
N PRO A 51 -15.27 -35.55 -7.07
CA PRO A 51 -13.97 -35.58 -7.75
C PRO A 51 -13.82 -34.54 -8.89
N TRP A 52 -14.90 -34.28 -9.63
CA TRP A 52 -14.83 -33.43 -10.82
C TRP A 52 -14.66 -31.91 -10.58
N MET A 53 -14.30 -31.55 -9.35
CA MET A 53 -13.89 -30.18 -9.06
C MET A 53 -12.37 -30.11 -8.91
N GLU A 54 -11.70 -31.17 -9.37
CA GLU A 54 -10.24 -31.30 -9.31
C GLU A 54 -9.51 -30.19 -10.08
N GLN A 55 -9.90 -29.99 -11.34
CA GLN A 55 -9.17 -29.12 -12.26
C GLN A 55 -9.22 -27.62 -11.97
N GLU A 56 -9.86 -27.25 -10.86
CA GLU A 56 -9.85 -25.86 -10.39
C GLU A 56 -8.53 -25.56 -9.72
N GLY A 57 -7.94 -24.41 -10.05
CA GLY A 57 -6.67 -23.98 -9.47
C GLY A 57 -6.76 -23.64 -8.00
N PRO A 58 -5.64 -23.73 -7.26
CA PRO A 58 -5.61 -23.43 -5.82
C PRO A 58 -6.03 -21.99 -5.49
N GLU A 59 -5.96 -21.09 -6.47
CA GLU A 59 -6.37 -19.70 -6.27
C GLU A 59 -7.87 -19.48 -6.44
N TYR A 60 -8.56 -20.46 -7.04
CA TYR A 60 -10.02 -20.48 -7.10
C TYR A 60 -10.57 -20.73 -5.70
N TRP A 61 -10.03 -21.77 -5.05
CA TRP A 61 -10.46 -22.16 -3.70
C TRP A 61 -10.01 -21.13 -2.67
N GLU A 62 -8.95 -20.41 -2.99
CA GLU A 62 -8.38 -19.41 -2.08
C GLU A 62 -9.34 -18.25 -1.86
N ARG A 63 -9.71 -17.58 -2.95
CA ARG A 63 -10.58 -16.41 -2.86
C ARG A 63 -12.04 -16.78 -2.56
N ILE A 64 -12.41 -18.01 -2.89
CA ILE A 64 -13.74 -18.53 -2.56
C ILE A 64 -13.87 -18.79 -1.06
N THR A 65 -12.75 -19.12 -0.42
CA THR A 65 -12.69 -19.33 1.02
C THR A 65 -12.70 -18.00 1.77
N GLN A 66 -12.01 -17.00 1.21
CA GLN A 66 -12.00 -15.67 1.80
C GLN A 66 -13.37 -14.99 1.74
N VAL A 67 -14.17 -15.38 0.74
CA VAL A 67 -15.56 -14.90 0.63
C VAL A 67 -16.39 -15.48 1.78
N ALA A 68 -16.16 -16.77 2.07
CA ALA A 68 -16.85 -17.45 3.18
C ALA A 68 -16.52 -16.83 4.54
N LYS A 69 -15.25 -16.49 4.74
CA LYS A 69 -14.79 -15.81 5.96
C LYS A 69 -15.51 -14.49 6.19
N GLY A 70 -15.78 -13.78 5.10
CA GLY A 70 -16.55 -12.53 5.13
C GLY A 70 -18.02 -12.78 5.44
N GLN A 71 -18.56 -13.86 4.90
CA GLN A 71 -19.96 -14.24 5.15
C GLN A 71 -20.19 -14.54 6.62
N GLU A 72 -19.16 -15.04 7.31
CA GLU A 72 -19.24 -15.30 8.75
C GLU A 72 -19.51 -14.02 9.54
N GLN A 73 -18.84 -12.94 9.14
CA GLN A 73 -19.06 -11.62 9.73
C GLN A 73 -20.49 -11.17 9.49
N TRP A 74 -20.96 -11.34 8.25
CA TRP A 74 -22.34 -11.03 7.89
C TRP A 74 -23.34 -11.65 8.87
N PHE A 75 -23.23 -12.97 9.08
CA PHE A 75 -24.20 -13.70 9.88
C PHE A 75 -24.12 -13.35 11.35
N ARG A 76 -22.91 -13.17 11.85
CA ARG A 76 -22.68 -12.75 13.23
C ARG A 76 -23.42 -11.44 13.55
N VAL A 77 -23.36 -10.49 12.62
CA VAL A 77 -23.99 -9.18 12.79
C VAL A 77 -25.51 -9.26 12.63
N ASN A 78 -25.96 -9.92 11.56
CA ASN A 78 -27.38 -9.98 11.23
C ASN A 78 -28.19 -10.92 12.11
N LEU A 79 -27.52 -11.83 12.82
CA LEU A 79 -28.18 -12.62 13.86
C LEU A 79 -28.61 -11.72 15.01
N ARG A 80 -27.78 -10.75 15.33
CA ARG A 80 -28.07 -9.81 16.40
C ARG A 80 -29.17 -8.80 16.03
N THR A 81 -29.13 -8.26 14.81
CA THR A 81 -30.15 -7.28 14.42
C THR A 81 -31.56 -7.90 14.35
N LEU A 82 -31.61 -9.23 14.17
CA LEU A 82 -32.87 -9.96 14.22
C LEU A 82 -33.35 -10.19 15.66
N LEU A 83 -32.41 -10.37 16.59
CA LEU A 83 -32.75 -10.42 18.01
C LEU A 83 -33.38 -9.10 18.42
N GLY A 84 -32.92 -8.01 17.79
CA GLY A 84 -33.49 -6.69 18.01
C GLY A 84 -34.88 -6.55 17.41
N TYR A 85 -35.03 -7.01 16.16
CA TYR A 85 -36.30 -6.92 15.45
C TYR A 85 -37.39 -7.72 16.17
N TYR A 86 -37.04 -8.94 16.57
CA TYR A 86 -37.99 -9.84 17.22
C TYR A 86 -38.04 -9.68 18.74
N ASN A 87 -37.22 -8.76 19.26
CA ASN A 87 -37.17 -8.48 20.70
C ASN A 87 -36.88 -9.74 21.54
N GLN A 88 -35.91 -10.52 21.09
CA GLN A 88 -35.57 -11.79 21.74
C GLN A 88 -34.38 -11.69 22.69
N SER A 89 -34.34 -12.60 23.66
CA SER A 89 -33.30 -12.64 24.68
C SER A 89 -31.93 -13.07 24.13
N ALA A 90 -30.87 -12.54 24.72
CA ALA A 90 -29.49 -12.82 24.31
C ALA A 90 -29.04 -14.24 24.68
N GLY A 91 -29.73 -14.86 25.62
CA GLY A 91 -29.44 -16.23 26.03
C GLY A 91 -30.02 -17.29 25.09
N GLY A 92 -30.53 -16.83 23.95
CA GLY A 92 -31.17 -17.70 22.98
C GLY A 92 -30.22 -18.27 21.94
N THR A 93 -30.67 -19.34 21.29
CA THR A 93 -29.93 -20.00 20.22
C THR A 93 -30.77 -19.86 18.96
N HIS A 94 -30.15 -19.44 17.87
CA HIS A 94 -30.89 -19.14 16.63
C HIS A 94 -30.19 -19.59 15.36
N THR A 95 -31.01 -19.90 14.35
CA THR A 95 -30.53 -20.28 13.04
C THR A 95 -30.97 -19.26 12.00
N LEU A 96 -30.01 -18.75 11.22
CA LEU A 96 -30.30 -17.90 10.08
C LEU A 96 -29.74 -18.55 8.82
N GLN A 97 -30.60 -18.74 7.82
CA GLN A 97 -30.20 -19.40 6.58
C GLN A 97 -30.40 -18.51 5.34
N ARG A 98 -29.38 -18.49 4.49
CA ARG A 98 -29.46 -17.83 3.20
C ARG A 98 -29.47 -18.87 2.08
N MET A 99 -30.24 -18.59 1.03
CA MET A 99 -30.23 -19.41 -0.16
C MET A 99 -30.26 -18.56 -1.42
N TYR A 100 -29.25 -18.74 -2.27
CA TYR A 100 -29.18 -18.04 -3.55
C TYR A 100 -28.71 -18.98 -4.66
N GLY A 101 -29.04 -18.63 -5.89
CA GLY A 101 -28.69 -19.43 -7.05
C GLY A 101 -29.50 -19.06 -8.27
N CYS A 102 -29.33 -19.84 -9.34
CA CYS A 102 -29.95 -19.53 -10.62
C CYS A 102 -30.42 -20.78 -11.36
N ASP A 103 -31.64 -20.72 -11.87
CA ASP A 103 -32.17 -21.76 -12.75
C ASP A 103 -32.03 -21.32 -14.19
N VAL A 104 -31.54 -22.23 -15.04
CA VAL A 104 -31.45 -21.96 -16.48
C VAL A 104 -32.36 -22.93 -17.25
N GLY A 105 -32.69 -22.55 -18.49
CA GLY A 105 -33.56 -23.37 -19.33
C GLY A 105 -32.81 -24.27 -20.29
N SER A 106 -33.50 -24.69 -21.35
CA SER A 106 -32.91 -25.51 -22.39
C SER A 106 -31.89 -24.74 -23.22
N ASP A 107 -32.11 -23.43 -23.35
CA ASP A 107 -31.22 -22.54 -24.10
C ASP A 107 -30.04 -22.02 -23.27
N GLY A 108 -30.10 -22.20 -21.95
CA GLY A 108 -29.00 -21.82 -21.07
C GLY A 108 -29.05 -20.39 -20.54
N ARG A 109 -30.08 -19.64 -20.92
CA ARG A 109 -30.29 -18.31 -20.36
C ARG A 109 -31.03 -18.40 -19.02
N LEU A 110 -31.00 -17.32 -18.25
CA LEU A 110 -31.63 -17.28 -16.93
C LEU A 110 -33.14 -17.51 -17.02
N LEU A 111 -33.65 -18.41 -16.17
CA LEU A 111 -35.08 -18.68 -16.08
C LEU A 111 -35.65 -18.15 -14.77
N ARG A 112 -34.88 -18.29 -13.69
CA ARG A 112 -35.28 -17.88 -12.35
C ARG A 112 -34.03 -17.70 -11.47
N GLY A 113 -33.95 -16.56 -10.78
CA GLY A 113 -32.83 -16.28 -9.87
C GLY A 113 -33.29 -16.16 -8.44
N TYR A 114 -32.47 -16.66 -7.51
CA TYR A 114 -32.86 -16.73 -6.09
C TYR A 114 -32.02 -15.88 -5.16
N GLU A 115 -32.69 -15.29 -4.16
CA GLU A 115 -32.05 -14.59 -3.07
C GLU A 115 -33.05 -14.52 -1.90
N GLN A 116 -32.95 -15.49 -0.99
CA GLN A 116 -33.93 -15.63 0.09
C GLN A 116 -33.36 -16.05 1.45
N PHE A 117 -34.10 -15.71 2.50
CA PHE A 117 -33.64 -15.90 3.87
C PHE A 117 -34.68 -16.58 4.75
N ALA A 118 -34.20 -17.42 5.66
CA ALA A 118 -35.06 -18.09 6.64
C ALA A 118 -34.47 -17.93 8.05
N TYR A 119 -35.34 -17.67 9.02
CA TYR A 119 -34.93 -17.48 10.40
C TYR A 119 -35.68 -18.45 11.30
N ASP A 120 -34.92 -19.26 12.05
CA ASP A 120 -35.45 -20.30 12.91
C ASP A 120 -36.41 -21.24 12.17
N GLY A 121 -36.19 -21.41 10.87
CA GLY A 121 -36.99 -22.31 10.04
C GLY A 121 -38.22 -21.70 9.41
N CYS A 122 -38.31 -20.38 9.43
CA CYS A 122 -39.47 -19.67 8.86
C CYS A 122 -39.04 -18.66 7.80
N ASP A 123 -39.86 -18.52 6.76
CA ASP A 123 -39.65 -17.54 5.70
C ASP A 123 -39.47 -16.14 6.28
N TYR A 124 -38.35 -15.51 5.96
CA TYR A 124 -38.15 -14.13 6.35
C TYR A 124 -38.39 -13.21 5.16
N ILE A 125 -37.45 -13.21 4.22
CA ILE A 125 -37.57 -12.40 3.01
C ILE A 125 -37.08 -13.19 1.80
N ALA A 126 -37.71 -12.97 0.65
CA ALA A 126 -37.39 -13.68 -0.58
C ALA A 126 -37.47 -12.76 -1.79
N LEU A 127 -36.48 -12.87 -2.68
CA LEU A 127 -36.48 -12.12 -3.92
C LEU A 127 -37.45 -12.77 -4.89
N ASN A 128 -38.39 -11.98 -5.39
CA ASN A 128 -39.40 -12.45 -6.32
C ASN A 128 -38.85 -12.80 -7.70
N GLU A 129 -39.65 -13.52 -8.48
CA GLU A 129 -39.27 -13.97 -9.82
C GLU A 129 -38.99 -12.82 -10.80
N ASP A 130 -39.60 -11.66 -10.54
CA ASP A 130 -39.38 -10.47 -11.35
C ASP A 130 -37.99 -9.86 -11.14
N LEU A 131 -37.29 -10.38 -10.13
CA LEU A 131 -35.98 -9.87 -9.71
C LEU A 131 -36.00 -8.35 -9.49
N ARG A 132 -37.11 -7.88 -8.94
CA ARG A 132 -37.27 -6.47 -8.62
C ARG A 132 -37.86 -6.35 -7.21
N THR A 133 -39.01 -6.97 -6.99
CA THR A 133 -39.75 -6.85 -5.73
C THR A 133 -39.40 -7.94 -4.71
N TRP A 134 -39.84 -7.75 -3.47
CA TRP A 134 -39.54 -8.66 -2.37
C TRP A 134 -40.79 -9.14 -1.64
N THR A 135 -40.86 -10.43 -1.37
CA THR A 135 -41.90 -10.99 -0.52
C THR A 135 -41.37 -11.09 0.91
N ALA A 136 -42.04 -10.38 1.82
CA ALA A 136 -41.70 -10.41 3.25
C ALA A 136 -42.86 -11.01 4.01
N ALA A 137 -42.54 -11.91 4.96
CA ALA A 137 -43.59 -12.68 5.66
C ALA A 137 -44.24 -11.95 6.84
N ASP A 138 -43.44 -11.28 7.66
CA ASP A 138 -43.97 -10.61 8.86
C ASP A 138 -43.54 -9.14 8.99
N MET A 139 -43.95 -8.51 10.09
CA MET A 139 -43.71 -7.08 10.34
C MET A 139 -42.23 -6.74 10.45
N ALA A 140 -41.45 -7.65 11.01
CA ALA A 140 -39.99 -7.49 11.13
C ALA A 140 -39.31 -7.57 9.76
N ALA A 141 -39.79 -8.47 8.91
CA ALA A 141 -39.25 -8.62 7.56
C ALA A 141 -39.63 -7.43 6.67
N GLN A 142 -40.74 -6.78 7.01
CA GLN A 142 -41.21 -5.59 6.31
C GLN A 142 -40.22 -4.42 6.49
N ILE A 143 -39.57 -4.38 7.65
CA ILE A 143 -38.49 -3.41 7.90
C ILE A 143 -37.38 -3.59 6.85
N THR A 144 -36.90 -4.82 6.71
CA THR A 144 -35.87 -5.17 5.73
C THR A 144 -36.38 -4.86 4.33
N ARG A 145 -37.63 -5.21 4.08
CA ARG A 145 -38.27 -5.05 2.77
C ARG A 145 -38.24 -3.60 2.29
N ARG A 146 -38.63 -2.66 3.15
CA ARG A 146 -38.70 -1.25 2.74
C ARG A 146 -37.34 -0.65 2.40
N LYS A 147 -36.38 -0.78 3.31
CA LYS A 147 -35.03 -0.26 3.07
C LYS A 147 -34.38 -0.87 1.81
N TRP A 148 -34.57 -2.17 1.61
CA TRP A 148 -34.05 -2.87 0.43
C TRP A 148 -34.65 -2.37 -0.88
N GLU A 149 -35.94 -2.03 -0.86
CA GLU A 149 -36.62 -1.47 -2.03
C GLU A 149 -36.11 -0.06 -2.33
N GLN A 150 -35.87 0.71 -1.27
CA GLN A 150 -35.35 2.08 -1.37
C GLN A 150 -33.92 2.10 -1.91
N ALA A 151 -33.04 1.33 -1.26
CA ALA A 151 -31.63 1.29 -1.59
C ALA A 151 -31.31 0.58 -2.92
N GLY A 152 -32.24 -0.25 -3.39
CA GLY A 152 -32.08 -0.96 -4.65
C GLY A 152 -31.26 -2.23 -4.51
N ALA A 153 -31.53 -2.99 -3.46
CA ALA A 153 -30.87 -4.26 -3.21
C ALA A 153 -31.12 -5.26 -4.33
N ALA A 154 -32.34 -5.21 -4.88
CA ALA A 154 -32.73 -6.10 -5.97
C ALA A 154 -31.78 -6.02 -7.16
N GLU A 155 -31.41 -4.81 -7.57
CA GLU A 155 -30.49 -4.62 -8.69
C GLU A 155 -29.08 -5.08 -8.34
N TYR A 156 -28.70 -4.91 -7.07
CA TYR A 156 -27.42 -5.38 -6.57
C TYR A 156 -27.29 -6.88 -6.80
N TYR A 157 -28.31 -7.64 -6.40
CA TYR A 157 -28.32 -9.09 -6.58
C TYR A 157 -28.51 -9.51 -8.03
N ARG A 158 -29.19 -8.68 -8.82
CA ARG A 158 -29.46 -8.97 -10.23
C ARG A 158 -28.16 -9.02 -11.05
N ALA A 159 -27.22 -8.13 -10.74
CA ALA A 159 -25.93 -8.05 -11.44
C ALA A 159 -25.18 -9.39 -11.47
N TYR A 160 -25.17 -10.08 -10.33
CA TYR A 160 -24.58 -11.41 -10.23
C TYR A 160 -25.46 -12.47 -10.91
N LEU A 161 -26.71 -12.57 -10.46
CA LEU A 161 -27.63 -13.62 -10.88
C LEU A 161 -27.83 -13.72 -12.40
N GLU A 162 -27.95 -12.58 -13.06
CA GLU A 162 -28.17 -12.55 -14.51
C GLU A 162 -26.90 -12.86 -15.30
N GLY A 163 -25.76 -12.41 -14.79
CA GLY A 163 -24.48 -12.63 -15.46
C GLY A 163 -23.67 -13.76 -14.85
N GLU A 164 -22.92 -13.43 -13.80
CA GLU A 164 -21.91 -14.33 -13.23
C GLU A 164 -22.42 -15.71 -12.79
N CYS A 165 -23.62 -15.76 -12.21
CA CYS A 165 -24.23 -17.03 -11.75
C CYS A 165 -24.36 -18.02 -12.89
N VAL A 166 -24.91 -17.54 -14.01
CA VAL A 166 -25.14 -18.35 -15.21
C VAL A 166 -23.83 -18.90 -15.78
N GLU A 167 -22.82 -18.03 -15.86
CA GLU A 167 -21.52 -18.38 -16.43
C GLU A 167 -20.84 -19.54 -15.69
N TRP A 168 -20.83 -19.47 -14.36
CA TRP A 168 -20.16 -20.46 -13.52
C TRP A 168 -20.89 -21.80 -13.49
N LEU A 169 -22.23 -21.77 -13.56
CA LEU A 169 -23.02 -22.99 -13.65
C LEU A 169 -22.66 -23.78 -14.91
N HIS A 170 -22.56 -23.09 -16.05
CA HIS A 170 -22.17 -23.75 -17.30
C HIS A 170 -20.72 -24.20 -17.29
N ARG A 171 -19.90 -23.56 -16.45
CA ARG A 171 -18.50 -23.97 -16.27
C ARG A 171 -18.41 -25.27 -15.46
N TYR A 172 -19.24 -25.40 -14.43
CA TYR A 172 -19.28 -26.62 -13.63
C TYR A 172 -19.92 -27.78 -14.38
N LEU A 173 -20.82 -27.47 -15.31
CA LEU A 173 -21.44 -28.48 -16.17
C LEU A 173 -20.49 -29.00 -17.25
N LYS A 174 -19.45 -28.21 -17.53
CA LYS A 174 -18.41 -28.61 -18.48
C LYS A 174 -17.50 -29.68 -17.89
N ASN A 175 -17.30 -29.62 -16.57
CA ASN A 175 -16.49 -30.60 -15.85
C ASN A 175 -17.30 -31.85 -15.47
N GLY A 176 -18.04 -32.39 -16.43
CA GLY A 176 -18.88 -33.56 -16.22
C GLY A 176 -19.25 -34.26 -17.51
N ASN A 177 -19.25 -33.50 -18.61
CA ASN A 177 -19.55 -34.03 -19.93
C ASN A 177 -18.29 -34.14 -20.82
N GLN B 1 -18.11 -18.75 -8.94
CA GLN B 1 -18.06 -17.62 -7.98
C GLN B 1 -19.33 -17.47 -7.16
N LEU B 2 -19.14 -17.07 -5.92
CA LEU B 2 -20.24 -16.83 -5.01
C LEU B 2 -20.84 -15.44 -5.28
N SER B 3 -22.03 -15.20 -4.74
CA SER B 3 -22.70 -13.92 -4.89
C SER B 3 -21.93 -12.81 -4.14
N PRO B 4 -22.24 -11.54 -4.43
CA PRO B 4 -21.62 -10.47 -3.66
C PRO B 4 -22.09 -10.47 -2.21
N PHE B 5 -21.34 -9.78 -1.36
CA PHE B 5 -21.70 -9.62 0.06
C PHE B 5 -23.12 -9.06 0.21
N PRO B 6 -23.99 -9.78 0.95
CA PRO B 6 -25.40 -9.43 1.13
C PRO B 6 -25.66 -8.06 1.77
N PHE B 7 -26.78 -7.45 1.39
CA PHE B 7 -27.33 -6.25 2.06
C PHE B 7 -27.72 -6.62 3.47
N ASP B 8 -27.47 -5.72 4.43
CA ASP B 8 -27.88 -5.94 5.82
C ASP B 8 -29.39 -6.10 5.99
N LEU B 9 -29.81 -6.87 6.99
CA LEU B 9 -31.23 -7.12 7.26
C LEU B 9 -31.90 -5.95 7.98
N GLN C 4 8.03 -8.29 6.84
CA GLN C 4 9.31 -7.75 7.28
C GLN C 4 9.12 -6.62 8.28
N SER C 5 10.22 -6.20 8.90
CA SER C 5 10.19 -5.11 9.90
C SER C 5 11.44 -4.99 10.78
N VAL C 6 11.71 -3.76 11.19
CA VAL C 6 12.68 -3.46 12.25
C VAL C 6 11.97 -2.79 13.41
N THR C 7 12.42 -3.08 14.63
CA THR C 7 11.73 -2.62 15.82
C THR C 7 12.69 -1.94 16.80
N GLN C 8 12.35 -0.73 17.20
CA GLN C 8 13.07 0.00 18.24
C GLN C 8 12.08 0.26 19.36
N PRO C 9 12.33 -0.30 20.56
CA PRO C 9 11.33 -0.36 21.63
C PRO C 9 10.97 0.99 22.25
N ASP C 10 11.89 1.95 22.21
CA ASP C 10 11.70 3.23 22.89
C ASP C 10 11.95 4.42 21.96
N ALA C 11 10.89 5.20 21.74
CA ALA C 11 10.95 6.38 20.89
C ALA C 11 11.74 7.51 21.55
N ARG C 12 11.73 7.51 22.89
CA ARG C 12 12.35 8.56 23.67
C ARG C 12 13.30 7.94 24.69
N VAL C 13 14.56 8.39 24.69
CA VAL C 13 15.55 7.92 25.65
C VAL C 13 16.33 9.09 26.23
N THR C 14 16.38 9.17 27.56
CA THR C 14 17.17 10.19 28.25
C THR C 14 18.25 9.56 29.13
N VAL C 15 19.50 9.95 28.89
CA VAL C 15 20.64 9.52 29.72
C VAL C 15 21.52 10.71 30.11
N SER C 16 22.10 10.65 31.31
CA SER C 16 22.98 11.72 31.81
C SER C 16 24.29 11.77 31.03
N GLU C 17 24.85 12.97 30.89
CA GLU C 17 26.13 13.17 30.19
C GLU C 17 27.25 12.39 30.89
N GLY C 18 28.02 11.64 30.11
CA GLY C 18 29.12 10.84 30.63
C GLY C 18 28.75 9.39 30.91
N ALA C 19 27.45 9.11 30.93
CA ALA C 19 26.95 7.75 31.17
C ALA C 19 27.05 6.87 29.93
N SER C 20 26.76 5.58 30.11
CA SER C 20 26.79 4.62 29.01
C SER C 20 25.43 4.47 28.35
N LEU C 21 25.44 4.27 27.03
CA LEU C 21 24.22 4.15 26.25
C LEU C 21 24.10 2.78 25.60
N GLN C 22 22.88 2.26 25.58
CA GLN C 22 22.52 1.13 24.73
C GLN C 22 21.17 1.38 24.06
N LEU C 23 21.19 1.51 22.74
CA LEU C 23 19.97 1.63 21.96
C LEU C 23 19.62 0.29 21.33
N ARG C 24 18.42 -0.21 21.64
CA ARG C 24 18.01 -1.54 21.20
C ARG C 24 17.39 -1.55 19.81
N CYS C 25 17.62 -2.65 19.09
CA CYS C 25 17.01 -2.90 17.79
C CYS C 25 16.82 -4.39 17.56
N LYS C 26 15.61 -4.77 17.18
CA LYS C 26 15.28 -6.15 16.83
C LYS C 26 14.60 -6.17 15.47
N TYR C 27 14.96 -7.17 14.67
CA TYR C 27 14.36 -7.31 13.35
C TYR C 27 13.64 -8.64 13.24
N SER C 28 12.52 -8.66 12.51
CA SER C 28 11.91 -9.90 12.10
C SER C 28 11.93 -9.97 10.58
N TYR C 29 12.77 -10.88 10.07
CA TYR C 29 12.92 -11.09 8.64
C TYR C 29 13.05 -12.59 8.36
N SER C 30 12.59 -13.01 7.18
CA SER C 30 12.66 -14.41 6.78
C SER C 30 14.11 -14.85 6.57
N ALA C 31 14.91 -13.95 6.00
CA ALA C 31 16.35 -14.16 5.85
C ALA C 31 17.10 -13.02 6.55
N THR C 32 18.19 -13.35 7.23
CA THR C 32 18.99 -12.36 7.95
C THR C 32 19.49 -11.24 7.03
N PRO C 33 18.99 -10.00 7.23
CA PRO C 33 19.22 -8.88 6.33
C PRO C 33 20.53 -8.14 6.57
N TYR C 34 20.79 -7.13 5.74
CA TYR C 34 21.91 -6.23 5.96
C TYR C 34 21.48 -5.17 6.96
N LEU C 35 22.32 -4.95 7.97
CA LEU C 35 21.92 -4.12 9.12
C LEU C 35 22.75 -2.85 9.27
N PHE C 36 22.05 -1.75 9.54
CA PHE C 36 22.66 -0.43 9.61
C PHE C 36 22.15 0.39 10.79
N TRP C 37 23.00 1.27 11.29
CA TRP C 37 22.58 2.30 12.22
C TRP C 37 22.89 3.66 11.62
N TYR C 38 21.92 4.57 11.69
CA TYR C 38 22.09 5.92 11.18
C TYR C 38 21.80 6.95 12.28
N VAL C 39 22.49 8.08 12.21
CA VAL C 39 22.31 9.18 13.16
C VAL C 39 21.81 10.42 12.43
N GLN C 40 20.89 11.15 13.04
CA GLN C 40 20.39 12.38 12.45
C GLN C 40 20.41 13.53 13.46
N TYR C 41 21.37 14.44 13.29
CA TYR C 41 21.47 15.64 14.11
C TYR C 41 20.47 16.69 13.62
N PRO C 42 19.94 17.53 14.53
CA PRO C 42 18.96 18.54 14.14
C PRO C 42 19.35 19.30 12.88
N ARG C 43 18.40 19.43 11.95
CA ARG C 43 18.56 20.23 10.74
C ARG C 43 19.55 19.62 9.72
N GLN C 44 19.79 18.32 9.87
CA GLN C 44 20.70 17.61 8.98
C GLN C 44 20.10 16.30 8.46
N GLY C 45 20.67 15.80 7.37
CA GLY C 45 20.31 14.49 6.84
C GLY C 45 20.96 13.41 7.67
N PRO C 46 20.41 12.19 7.63
CA PRO C 46 21.01 11.08 8.36
C PRO C 46 22.43 10.77 7.89
N GLN C 47 23.27 10.28 8.80
CA GLN C 47 24.65 9.89 8.47
C GLN C 47 24.85 8.47 8.96
N MET C 48 25.41 7.60 8.13
CA MET C 48 25.61 6.23 8.58
C MET C 48 26.62 6.14 9.69
N LEU C 49 26.34 5.32 10.68
CA LEU C 49 27.27 5.11 11.76
C LEU C 49 28.10 3.86 11.56
N LEU C 50 27.45 2.77 11.24
CA LEU C 50 28.12 1.51 11.03
C LEU C 50 27.25 0.61 10.23
N LYS C 51 27.82 -0.46 9.71
CA LYS C 51 27.04 -1.39 8.92
C LYS C 51 27.41 -2.84 9.18
N TYR C 52 26.50 -3.77 8.94
CA TYR C 52 26.83 -5.19 9.01
C TYR C 52 26.37 -6.04 7.83
N TYR C 53 27.29 -6.76 7.19
CA TYR C 53 26.95 -7.68 6.11
C TYR C 53 27.08 -9.13 6.59
N SER C 54 28.27 -9.47 7.10
CA SER C 54 28.57 -10.81 7.63
C SER C 54 29.91 -10.80 8.33
N GLY C 55 30.33 -11.96 8.84
CA GLY C 55 31.62 -12.11 9.50
C GLY C 55 31.56 -11.74 10.96
N ASP C 56 32.55 -10.96 11.42
CA ASP C 56 32.63 -10.50 12.80
C ASP C 56 31.31 -9.87 13.25
N PRO C 57 30.66 -10.48 14.27
CA PRO C 57 29.35 -10.02 14.74
C PRO C 57 29.40 -8.70 15.50
N VAL C 58 30.61 -8.25 15.81
CA VAL C 58 30.81 -6.96 16.48
C VAL C 58 31.47 -6.00 15.50
N VAL C 59 30.78 -4.89 15.24
CA VAL C 59 31.24 -3.90 14.26
C VAL C 59 31.49 -2.54 14.90
N GLN C 60 32.50 -1.86 14.39
CA GLN C 60 32.91 -0.57 14.91
C GLN C 60 32.35 0.54 14.03
N GLY C 61 31.74 1.54 14.67
CA GLY C 61 31.18 2.67 13.94
C GLY C 61 32.00 3.94 14.06
N VAL C 62 31.45 5.02 13.54
CA VAL C 62 32.07 6.33 13.62
C VAL C 62 31.59 7.00 14.92
N ASN C 63 32.18 8.14 15.27
CA ASN C 63 31.84 8.90 16.48
C ASN C 63 31.90 8.11 17.80
N GLY C 64 32.57 6.95 17.77
CA GLY C 64 32.76 6.13 18.97
C GLY C 64 31.69 5.08 19.28
N PHE C 65 30.78 4.84 18.33
CA PHE C 65 29.73 3.84 18.49
C PHE C 65 30.18 2.44 18.07
N GLU C 66 29.58 1.42 18.69
CA GLU C 66 29.74 0.05 18.23
C GLU C 66 28.42 -0.72 18.36
N ALA C 67 28.26 -1.75 17.53
CA ALA C 67 27.06 -2.57 17.56
C ALA C 67 27.40 -4.05 17.49
N GLU C 68 26.57 -4.86 18.14
CA GLU C 68 26.71 -6.31 18.12
C GLU C 68 25.51 -6.96 17.47
N PHE C 69 25.78 -7.84 16.51
CA PHE C 69 24.76 -8.63 15.83
C PHE C 69 24.60 -9.96 16.55
N SER C 70 23.35 -10.40 16.68
CA SER C 70 23.03 -11.69 17.28
C SER C 70 21.94 -12.39 16.47
N LYS C 71 22.29 -13.51 15.84
CA LYS C 71 21.38 -14.28 14.99
C LYS C 71 20.24 -14.89 15.81
N SER C 72 20.57 -15.61 16.87
CA SER C 72 19.59 -16.29 17.73
C SER C 72 18.61 -15.32 18.39
N ASP C 73 19.10 -14.11 18.66
CA ASP C 73 18.30 -13.07 19.30
C ASP C 73 17.65 -12.15 18.26
N SER C 74 18.08 -12.27 17.00
CA SER C 74 17.65 -11.38 15.90
C SER C 74 17.74 -9.90 16.30
N SER C 75 18.90 -9.51 16.82
CA SER C 75 19.11 -8.16 17.36
C SER C 75 20.37 -7.52 16.81
N PHE C 76 20.38 -6.19 16.81
CA PHE C 76 21.53 -5.41 16.34
C PHE C 76 21.62 -4.14 17.18
N HIS C 77 21.88 -4.30 18.47
CA HIS C 77 21.85 -3.19 19.41
C HIS C 77 23.07 -2.26 19.26
N LEU C 78 22.84 -0.96 19.39
CA LEU C 78 23.89 0.06 19.33
C LEU C 78 24.29 0.50 20.73
N ARG C 79 25.58 0.83 20.91
CA ARG C 79 26.09 1.24 22.23
C ARG C 79 27.33 2.15 22.19
N LYS C 80 27.44 3.03 23.19
CA LYS C 80 28.57 3.96 23.30
C LYS C 80 28.98 4.14 24.76
N ALA C 81 30.29 4.02 25.00
CA ALA C 81 30.87 4.00 26.35
C ALA C 81 30.55 5.22 27.22
N SER C 82 30.67 6.41 26.64
CA SER C 82 30.46 7.65 27.40
C SER C 82 29.91 8.74 26.51
N VAL C 83 28.68 9.16 26.77
CA VAL C 83 27.96 10.08 25.90
C VAL C 83 28.22 11.56 26.18
N HIS C 84 28.52 12.30 25.11
CA HIS C 84 28.72 13.74 25.17
C HIS C 84 27.37 14.42 24.92
N ARG C 85 27.29 15.72 25.23
CA ARG C 85 26.12 16.53 24.90
C ARG C 85 25.83 16.58 23.40
N SER C 86 26.88 16.52 22.59
CA SER C 86 26.77 16.59 21.12
C SER C 86 26.22 15.30 20.50
N ASP C 87 25.97 14.30 21.33
CA ASP C 87 25.38 13.03 20.88
C ASP C 87 23.85 13.10 20.83
N SER C 88 23.28 14.20 21.32
CA SER C 88 21.83 14.43 21.28
C SER C 88 21.33 14.44 19.84
N ALA C 89 20.71 13.34 19.43
CA ALA C 89 20.20 13.19 18.08
C ALA C 89 19.11 12.14 18.03
N VAL C 90 18.61 11.87 16.83
CA VAL C 90 17.68 10.77 16.62
C VAL C 90 18.46 9.63 15.97
N TYR C 91 18.33 8.44 16.54
CA TYR C 91 19.07 7.28 16.08
C TYR C 91 18.15 6.28 15.40
N PHE C 92 18.48 5.94 14.16
CA PHE C 92 17.68 5.04 13.35
C PHE C 92 18.38 3.71 13.14
N CYS C 93 17.78 2.64 13.67
CA CYS C 93 18.12 1.30 13.22
C CYS C 93 17.58 1.18 11.80
N ALA C 94 18.37 0.62 10.90
CA ALA C 94 17.95 0.50 9.51
C ALA C 94 18.34 -0.83 8.92
N VAL C 95 17.60 -1.28 7.91
CA VAL C 95 17.80 -2.62 7.38
C VAL C 95 17.70 -2.69 5.86
N SER C 96 18.36 -3.68 5.28
CA SER C 96 18.26 -3.94 3.86
C SER C 96 17.89 -5.38 3.63
N ALA C 97 16.84 -5.64 2.85
CA ALA C 97 16.46 -7.02 2.56
C ALA C 97 17.52 -7.73 1.70
N LYS C 98 17.71 -9.02 1.94
CA LYS C 98 18.76 -9.81 1.29
C LYS C 98 18.67 -9.77 -0.24
N GLY C 99 17.46 -9.84 -0.78
CA GLY C 99 17.25 -9.78 -2.23
C GLY C 99 17.23 -8.39 -2.82
N THR C 100 17.18 -7.36 -1.97
CA THR C 100 17.10 -5.96 -2.41
C THR C 100 18.07 -5.09 -1.60
N GLY C 101 19.35 -5.39 -1.71
CA GLY C 101 20.40 -4.81 -0.86
C GLY C 101 20.52 -3.31 -0.84
N SER C 102 20.05 -2.66 -1.90
CA SER C 102 20.18 -1.25 -2.04
C SER C 102 18.95 -0.51 -1.60
N LYS C 103 17.92 -1.21 -1.19
CA LYS C 103 16.73 -0.53 -0.76
C LYS C 103 16.75 -0.47 0.74
N LEU C 104 16.95 0.73 1.25
CA LEU C 104 17.19 0.91 2.64
C LEU C 104 15.91 1.32 3.32
N SER C 105 15.59 0.63 4.39
CA SER C 105 14.35 0.83 5.09
C SER C 105 14.64 1.19 6.53
N PHE C 106 13.93 2.16 7.06
CA PHE C 106 14.24 2.65 8.40
C PHE C 106 13.36 2.10 9.52
N GLY C 107 13.93 2.06 10.72
CA GLY C 107 13.16 1.82 11.94
C GLY C 107 12.49 3.10 12.38
N LYS C 108 11.61 3.00 13.38
CA LYS C 108 10.83 4.16 13.80
C LYS C 108 11.68 5.30 14.38
N GLY C 109 12.83 4.94 14.98
CA GLY C 109 13.77 5.94 15.47
C GLY C 109 13.74 6.15 16.97
N ALA C 110 14.90 6.49 17.53
CA ALA C 110 15.01 6.81 18.94
C ALA C 110 15.62 8.19 19.13
N LYS C 111 14.86 9.09 19.75
CA LYS C 111 15.36 10.41 20.10
C LYS C 111 16.17 10.36 21.41
N LEU C 112 17.43 10.70 21.31
CA LEU C 112 18.32 10.70 22.46
C LEU C 112 18.49 12.09 23.02
N THR C 113 18.18 12.25 24.29
CA THR C 113 18.46 13.48 25.02
C THR C 113 19.53 13.19 26.06
N VAL C 114 20.74 13.68 25.79
CA VAL C 114 21.83 13.59 26.75
C VAL C 114 21.96 14.91 27.51
N SER C 115 21.52 14.90 28.76
CA SER C 115 21.42 16.11 29.56
C SER C 115 22.68 16.38 30.38
N PRO C 116 23.04 17.66 30.55
CA PRO C 116 24.14 18.13 31.40
C PRO C 116 24.21 17.41 32.74
N ALA C 138 29.30 13.41 2.59
CA ALA C 138 28.00 13.53 1.87
C ALA C 138 27.97 14.75 0.93
N ALA C 139 28.59 14.59 -0.25
CA ALA C 139 28.59 15.64 -1.28
C ALA C 139 27.35 15.50 -2.16
N VAL C 140 26.18 15.52 -1.51
CA VAL C 140 24.90 15.50 -2.19
C VAL C 140 24.24 16.86 -1.95
N THR C 141 24.01 17.61 -3.02
CA THR C 141 23.45 18.96 -2.92
C THR C 141 22.02 18.99 -3.43
N GLN C 142 21.08 19.43 -2.59
CA GLN C 142 19.69 19.54 -3.01
C GLN C 142 19.20 20.98 -2.99
N SER C 143 18.61 21.38 -4.10
CA SER C 143 18.42 22.78 -4.46
C SER C 143 17.55 23.67 -3.58
N PRO C 144 16.38 23.20 -3.12
CA PRO C 144 15.56 24.08 -2.31
C PRO C 144 15.60 23.66 -0.87
N ARG C 145 16.30 24.42 -0.06
CA ARG C 145 16.39 24.14 1.36
C ARG C 145 15.03 24.31 2.02
N ASN C 146 14.30 25.33 1.59
CA ASN C 146 12.99 25.64 2.17
C ASN C 146 12.04 26.10 1.08
N LYS C 147 10.79 25.65 1.14
CA LYS C 147 9.77 26.14 0.21
C LYS C 147 8.36 26.09 0.77
N VAL C 148 7.63 27.17 0.52
CA VAL C 148 6.22 27.26 0.88
C VAL C 148 5.41 27.56 -0.39
N THR C 149 4.41 26.73 -0.68
CA THR C 149 3.45 27.02 -1.75
C THR C 149 2.04 26.69 -1.32
N VAL C 150 1.14 26.81 -2.29
CA VAL C 150 -0.27 26.53 -2.09
C VAL C 150 -0.66 25.29 -2.89
N THR C 151 -1.80 24.71 -2.54
CA THR C 151 -2.36 23.57 -3.26
C THR C 151 -2.39 23.79 -4.78
N GLY C 152 -1.99 22.76 -5.52
CA GLY C 152 -2.09 22.78 -6.98
C GLY C 152 -0.82 23.22 -7.70
N GLU C 153 0.11 23.82 -6.96
CA GLU C 153 1.35 24.31 -7.56
C GLU C 153 2.26 23.17 -8.01
N ASN C 154 3.03 23.44 -9.05
CA ASN C 154 4.06 22.53 -9.50
C ASN C 154 5.34 22.78 -8.71
N VAL C 155 5.86 21.74 -8.08
CA VAL C 155 7.09 21.84 -7.28
C VAL C 155 8.10 20.81 -7.78
N THR C 156 9.33 21.28 -8.02
CA THR C 156 10.43 20.41 -8.39
C THR C 156 11.55 20.60 -7.38
N LEU C 157 11.98 19.49 -6.80
CA LEU C 157 13.15 19.46 -5.93
C LEU C 157 14.33 18.90 -6.70
N SER C 158 15.44 19.63 -6.70
CA SER C 158 16.62 19.23 -7.43
C SER C 158 17.59 18.50 -6.53
N CYS C 159 18.34 17.56 -7.09
CA CYS C 159 19.41 16.90 -6.36
C CYS C 159 20.58 16.55 -7.27
N ARG C 160 21.76 17.03 -6.90
CA ARG C 160 22.98 16.78 -7.64
C ARG C 160 24.04 16.18 -6.72
N GLN C 161 24.73 15.15 -7.19
CA GLN C 161 25.86 14.57 -6.45
C GLN C 161 27.07 14.34 -7.34
N THR C 162 28.24 14.69 -6.83
CA THR C 162 29.49 14.54 -7.58
C THR C 162 30.38 13.43 -6.97
N ASN C 163 29.75 12.36 -6.49
CA ASN C 163 30.46 11.25 -5.87
C ASN C 163 30.70 10.09 -6.82
N SER C 164 30.15 10.18 -8.03
CA SER C 164 30.16 9.10 -9.02
C SER C 164 29.47 7.84 -8.50
N HIS C 165 28.45 8.04 -7.67
CA HIS C 165 27.58 6.97 -7.17
C HIS C 165 26.53 6.68 -8.22
N ASN C 166 26.19 5.41 -8.37
CA ASN C 166 25.17 5.03 -9.34
C ASN C 166 23.76 4.99 -8.75
N TYR C 167 23.69 4.85 -7.43
CA TYR C 167 22.41 4.84 -6.74
C TYR C 167 22.02 6.23 -6.25
N MET C 168 20.79 6.61 -6.51
CA MET C 168 20.22 7.84 -5.93
C MET C 168 18.81 7.57 -5.39
N TYR C 169 18.46 8.29 -4.34
CA TYR C 169 17.21 8.07 -3.60
C TYR C 169 16.50 9.38 -3.31
N TRP C 170 15.17 9.31 -3.22
CA TRP C 170 14.38 10.41 -2.69
C TRP C 170 13.51 9.88 -1.55
N TYR C 171 13.75 10.39 -0.35
CA TYR C 171 12.96 10.04 0.83
C TYR C 171 12.14 11.24 1.29
N ARG C 172 11.12 10.97 2.09
CA ARG C 172 10.45 12.02 2.85
C ARG C 172 10.33 11.64 4.32
N GLN C 173 10.45 12.65 5.18
CA GLN C 173 10.36 12.46 6.61
C GLN C 173 9.34 13.43 7.18
N ASP C 174 8.20 12.91 7.61
CA ASP C 174 7.26 13.71 8.38
C ASP C 174 7.89 13.97 9.74
N THR C 175 7.84 15.23 10.17
CA THR C 175 8.47 15.61 11.43
C THR C 175 7.97 14.75 12.59
N GLY C 176 8.92 14.13 13.28
CA GLY C 176 8.61 13.22 14.38
C GLY C 176 8.77 11.76 14.00
N HIS C 177 8.93 11.50 12.71
CA HIS C 177 8.95 10.13 12.20
C HIS C 177 10.23 9.82 11.42
N GLU C 178 10.22 8.70 10.69
CA GLU C 178 11.41 8.24 9.98
C GLU C 178 11.36 8.60 8.51
N LEU C 179 12.48 8.39 7.82
CA LEU C 179 12.56 8.57 6.39
C LEU C 179 11.82 7.43 5.67
N ARG C 180 10.98 7.82 4.71
CA ARG C 180 10.19 6.87 3.92
C ARG C 180 10.55 7.03 2.45
N LEU C 181 10.93 5.94 1.81
CA LEU C 181 11.39 5.98 0.42
C LEU C 181 10.26 6.24 -0.58
N ILE C 182 10.48 7.24 -1.44
CA ILE C 182 9.56 7.57 -2.52
C ILE C 182 9.98 6.86 -3.82
N TYR C 183 11.16 7.20 -4.32
CA TYR C 183 11.70 6.61 -5.53
C TYR C 183 13.20 6.43 -5.37
N TYR C 184 13.75 5.46 -6.10
CA TYR C 184 15.19 5.36 -6.24
C TYR C 184 15.59 4.97 -7.65
N SER C 185 16.89 5.09 -7.92
CA SER C 185 17.38 4.94 -9.28
C SER C 185 18.77 4.32 -9.29
N TYR C 186 19.00 3.43 -10.25
CA TYR C 186 20.30 2.82 -10.47
C TYR C 186 20.78 3.10 -11.89
N GLY C 187 21.63 4.12 -12.03
CA GLY C 187 22.08 4.58 -13.33
C GLY C 187 21.10 5.55 -13.96
N ALA C 188 21.59 6.35 -14.90
CA ALA C 188 20.77 7.34 -15.61
C ALA C 188 19.58 6.69 -16.30
N GLY C 189 18.42 7.33 -16.21
CA GLY C 189 17.20 6.86 -16.89
C GLY C 189 16.44 5.77 -16.15
N ASN C 190 17.03 5.22 -15.09
CA ASN C 190 16.38 4.18 -14.30
C ASN C 190 15.45 4.77 -13.25
N LEU C 191 14.32 4.11 -13.04
CA LEU C 191 13.38 4.49 -12.00
C LEU C 191 12.78 3.25 -11.33
N GLN C 192 12.91 3.19 -10.01
CA GLN C 192 12.36 2.08 -9.23
C GLN C 192 11.48 2.64 -8.11
N ILE C 193 10.27 2.09 -7.98
CA ILE C 193 9.32 2.58 -6.97
C ILE C 193 9.77 2.25 -5.56
N GLY C 194 9.47 3.16 -4.62
CA GLY C 194 9.72 2.94 -3.21
C GLY C 194 8.44 2.52 -2.51
N ASP C 195 8.27 2.97 -1.27
CA ASP C 195 7.12 2.60 -0.45
C ASP C 195 5.95 3.54 -0.64
N VAL C 196 6.25 4.82 -0.89
CA VAL C 196 5.24 5.87 -0.90
C VAL C 196 5.35 6.74 -2.16
N PRO C 197 5.14 6.15 -3.36
CA PRO C 197 5.36 6.94 -4.57
C PRO C 197 4.18 7.78 -5.05
N ASP C 198 2.96 7.44 -4.64
CA ASP C 198 1.75 8.14 -5.06
C ASP C 198 1.86 9.66 -4.93
N GLY C 199 1.61 10.36 -6.03
CA GLY C 199 1.63 11.82 -6.06
C GLY C 199 2.94 12.42 -6.51
N TYR C 200 3.93 11.55 -6.75
CA TYR C 200 5.27 12.00 -7.12
C TYR C 200 5.70 11.42 -8.47
N LYS C 201 6.47 12.20 -9.21
CA LYS C 201 7.22 11.69 -10.35
C LYS C 201 8.69 11.98 -10.07
N ALA C 202 9.57 11.15 -10.59
CA ALA C 202 11.00 11.37 -10.45
C ALA C 202 11.71 11.12 -11.77
N THR C 203 12.81 11.83 -11.99
CA THR C 203 13.58 11.67 -13.23
C THR C 203 15.07 11.71 -12.93
N ARG C 204 15.76 10.64 -13.32
CA ARG C 204 17.22 10.59 -13.24
C ARG C 204 17.77 10.88 -14.63
N THR C 205 17.94 12.17 -14.93
CA THR C 205 18.36 12.62 -16.25
C THR C 205 19.81 12.30 -16.55
N THR C 206 20.67 12.42 -15.54
CA THR C 206 22.09 12.11 -15.67
C THR C 206 22.54 11.26 -14.49
N GLN C 207 23.81 10.85 -14.49
CA GLN C 207 24.38 10.11 -13.38
C GLN C 207 24.33 10.93 -12.08
N GLU C 208 24.52 12.24 -12.21
CA GLU C 208 24.61 13.12 -11.06
C GLU C 208 23.29 13.75 -10.59
N ASP C 209 22.28 13.76 -11.47
CA ASP C 209 21.04 14.52 -11.22
C ASP C 209 19.79 13.66 -11.06
N PHE C 210 19.04 13.89 -9.99
CA PHE C 210 17.81 13.16 -9.71
C PHE C 210 16.72 14.12 -9.22
N PHE C 211 15.79 14.44 -10.11
CA PHE C 211 14.72 15.38 -9.81
C PHE C 211 13.50 14.70 -9.20
N LEU C 212 12.87 15.36 -8.24
CA LEU C 212 11.57 14.94 -7.71
C LEU C 212 10.52 15.98 -8.08
N THR C 213 9.40 15.51 -8.65
CA THR C 213 8.34 16.40 -9.13
C THR C 213 6.99 16.15 -8.48
N LEU C 214 6.42 17.22 -7.92
CA LEU C 214 5.05 17.23 -7.46
C LEU C 214 4.25 18.08 -8.45
N GLU C 215 3.54 17.42 -9.36
CA GLU C 215 2.80 18.10 -10.43
C GLU C 215 1.64 18.94 -9.93
N SER C 216 1.00 18.48 -8.86
CA SER C 216 -0.08 19.20 -8.20
C SER C 216 0.06 19.02 -6.70
N ALA C 217 0.80 19.95 -6.08
CA ALA C 217 1.14 19.87 -4.66
C ALA C 217 -0.09 19.75 -3.78
N SER C 218 -0.08 18.76 -2.89
CA SER C 218 -1.16 18.53 -1.95
C SER C 218 -0.66 18.80 -0.54
N PRO C 219 -1.55 19.25 0.36
CA PRO C 219 -1.15 19.50 1.77
C PRO C 219 -0.63 18.26 2.50
N SER C 220 -0.85 17.07 1.94
CA SER C 220 -0.32 15.84 2.52
C SER C 220 1.14 15.65 2.15
N GLN C 221 1.62 16.47 1.23
CA GLN C 221 2.99 16.39 0.75
C GLN C 221 3.92 17.37 1.46
N THR C 222 3.44 18.02 2.51
CA THR C 222 4.31 18.85 3.33
C THR C 222 5.14 17.93 4.23
N SER C 223 6.46 17.95 4.03
CA SER C 223 7.40 17.28 4.92
C SER C 223 8.83 17.65 4.57
N LEU C 224 9.77 16.92 5.16
CA LEU C 224 11.18 17.14 4.94
C LEU C 224 11.69 16.09 3.96
N TYR C 225 12.10 16.53 2.79
CA TYR C 225 12.55 15.63 1.73
C TYR C 225 14.06 15.49 1.71
N PHE C 226 14.54 14.25 1.76
CA PHE C 226 15.96 13.98 1.69
C PHE C 226 16.34 13.23 0.44
N CYS C 227 17.30 13.78 -0.29
CA CYS C 227 17.96 13.07 -1.37
C CYS C 227 19.12 12.29 -0.79
N ALA C 228 19.50 11.20 -1.45
CA ALA C 228 20.67 10.43 -1.04
C ALA C 228 21.34 9.77 -2.24
N SER C 229 22.63 9.48 -2.10
CA SER C 229 23.34 8.67 -3.08
C SER C 229 24.06 7.51 -2.40
N SER C 230 24.27 6.42 -3.14
CA SER C 230 24.93 5.25 -2.60
C SER C 230 25.87 4.56 -3.59
N ASP C 231 26.89 3.94 -3.03
CA ASP C 231 28.01 3.34 -3.72
C ASP C 231 28.02 1.86 -3.39
N ALA C 232 27.41 1.55 -2.24
CA ALA C 232 27.43 0.21 -1.67
C ALA C 232 26.08 -0.09 -0.97
N PRO C 233 25.53 -1.29 -1.20
CA PRO C 233 24.20 -1.69 -0.70
C PRO C 233 23.89 -1.21 0.72
N GLY C 234 22.95 -0.28 0.82
CA GLY C 234 22.47 0.21 2.12
C GLY C 234 23.29 1.31 2.76
N GLN C 235 24.44 1.61 2.16
CA GLN C 235 25.33 2.67 2.66
C GLN C 235 25.06 3.97 1.90
N LEU C 236 24.25 4.83 2.52
CA LEU C 236 23.73 6.02 1.83
C LEU C 236 24.33 7.31 2.35
N TYR C 237 24.53 8.26 1.44
CA TYR C 237 25.01 9.60 1.78
C TYR C 237 23.92 10.62 1.51
N PHE C 238 23.39 11.19 2.59
CA PHE C 238 22.20 12.04 2.48
C PHE C 238 22.52 13.51 2.26
N GLY C 239 21.68 14.16 1.47
CA GLY C 239 21.71 15.62 1.33
C GLY C 239 21.25 16.32 2.60
N GLU C 240 21.16 17.63 2.53
CA GLU C 240 20.90 18.43 3.73
C GLU C 240 19.41 18.69 3.99
N GLY C 241 18.57 18.25 3.06
CA GLY C 241 17.11 18.32 3.23
C GLY C 241 16.43 19.47 2.53
N SER C 242 15.26 19.18 1.94
CA SER C 242 14.42 20.19 1.33
C SER C 242 13.08 20.21 2.04
N LYS C 243 12.87 21.19 2.92
CA LYS C 243 11.61 21.28 3.67
C LYS C 243 10.52 22.01 2.88
N LEU C 244 9.44 21.28 2.59
CA LEU C 244 8.34 21.79 1.79
C LEU C 244 7.03 21.87 2.58
N THR C 245 6.39 23.03 2.56
CA THR C 245 5.06 23.19 3.13
C THR C 245 4.11 23.60 2.02
N VAL C 246 3.04 22.83 1.85
CA VAL C 246 2.00 23.21 0.91
C VAL C 246 0.69 23.47 1.65
N LEU C 247 0.17 24.68 1.46
CA LEU C 247 -0.97 25.17 2.22
C LEU C 247 -2.25 25.22 1.40
N GLU C 248 -3.30 24.63 1.95
CA GLU C 248 -4.65 24.92 1.51
C GLU C 248 -5.09 26.16 2.25
N LEU C 249 -5.06 27.31 1.57
CA LEU C 249 -5.36 28.60 2.17
C LEU C 249 -6.75 28.69 2.81
N GLU C 250 -7.75 28.12 2.15
CA GLU C 250 -9.14 28.12 2.64
C GLU C 250 -9.29 27.51 4.04
N HIS C 251 -8.34 26.64 4.39
CA HIS C 251 -8.38 25.89 5.63
C HIS C 251 -8.11 26.77 6.86
N HIS C 252 -7.27 27.79 6.69
CA HIS C 252 -6.84 28.62 7.81
C HIS C 252 -7.64 29.93 7.89
N HIS C 253 -8.94 29.80 7.63
CA HIS C 253 -9.84 30.93 7.50
C HIS C 253 -11.20 30.50 8.04
N HIS C 254 -11.83 31.34 8.84
CA HIS C 254 -13.23 31.11 9.20
C HIS C 254 -14.12 31.96 8.30
N HIS C 255 -14.93 31.27 7.51
CA HIS C 255 -15.81 31.90 6.52
C HIS C 255 -16.77 32.91 7.14
N HIS C 256 -16.87 34.08 6.50
CA HIS C 256 -17.78 35.14 6.92
C HIS C 256 -19.09 35.08 6.14
N GLY D 2 35.68 -37.57 -4.45
CA GLY D 2 36.59 -36.39 -4.34
C GLY D 2 35.85 -35.06 -4.27
N PRO D 3 36.57 -33.95 -4.53
CA PRO D 3 36.06 -32.58 -4.52
C PRO D 3 34.95 -32.28 -5.54
N HIS D 4 34.20 -31.21 -5.31
CA HIS D 4 33.11 -30.76 -6.19
C HIS D 4 33.08 -29.24 -6.26
N SER D 5 32.41 -28.68 -7.26
CA SER D 5 32.36 -27.21 -7.43
C SER D 5 31.11 -26.68 -8.13
N MET D 6 30.81 -25.40 -7.89
CA MET D 6 29.79 -24.68 -8.64
C MET D 6 30.39 -23.38 -9.19
N ARG D 7 29.98 -23.01 -10.40
CA ARG D 7 30.59 -21.88 -11.10
C ARG D 7 29.58 -21.17 -11.99
N TYR D 8 29.54 -19.84 -11.90
CA TYR D 8 28.67 -19.03 -12.76
C TYR D 8 29.46 -18.02 -13.58
N TYR D 9 29.31 -18.09 -14.90
CA TYR D 9 29.99 -17.19 -15.82
C TYR D 9 29.01 -16.21 -16.48
N GLU D 10 29.04 -14.96 -16.01
CA GLU D 10 28.22 -13.90 -16.58
C GLU D 10 29.04 -13.05 -17.56
N THR D 11 28.53 -12.88 -18.77
CA THR D 11 29.28 -12.18 -19.82
C THR D 11 28.39 -11.15 -20.52
N ALA D 12 28.92 -9.95 -20.70
CA ALA D 12 28.23 -8.88 -21.43
C ALA D 12 29.12 -8.24 -22.47
N THR D 13 28.61 -8.10 -23.69
CA THR D 13 29.37 -7.54 -24.80
C THR D 13 28.67 -6.37 -25.49
N SER D 14 29.41 -5.28 -25.72
CA SER D 14 28.89 -4.11 -26.41
C SER D 14 28.65 -4.35 -27.90
N ARG D 15 27.61 -3.71 -28.43
CA ARG D 15 27.29 -3.80 -29.86
C ARG D 15 27.28 -2.41 -30.50
N ARG D 16 27.94 -2.28 -31.66
CA ARG D 16 28.04 -0.97 -32.31
C ARG D 16 26.68 -0.35 -32.65
N GLY D 17 26.36 0.73 -31.93
CA GLY D 17 25.17 1.53 -32.20
C GLY D 17 23.85 0.91 -31.77
N LEU D 18 23.57 -0.29 -32.27
CA LEU D 18 22.30 -0.98 -32.05
C LEU D 18 22.04 -1.39 -30.60
N GLY D 19 21.54 -0.44 -29.81
CA GLY D 19 21.03 -0.69 -28.46
C GLY D 19 21.89 -1.48 -27.47
N GLU D 20 21.21 -2.20 -26.60
CA GLU D 20 21.80 -2.78 -25.39
C GLU D 20 22.74 -3.98 -25.64
N PRO D 21 23.68 -4.17 -24.72
CA PRO D 21 24.67 -5.25 -24.85
C PRO D 21 24.06 -6.63 -24.65
N ARG D 22 24.53 -7.61 -25.40
CA ARG D 22 24.08 -8.99 -25.23
C ARG D 22 24.50 -9.47 -23.85
N TYR D 23 23.63 -10.22 -23.18
CA TYR D 23 23.93 -10.73 -21.85
C TYR D 23 23.93 -12.25 -21.82
N THR D 24 24.99 -12.82 -21.26
CA THR D 24 25.09 -14.28 -21.16
C THR D 24 25.37 -14.69 -19.72
N SER D 25 24.65 -15.70 -19.24
CA SER D 25 24.92 -16.29 -17.94
C SER D 25 24.81 -17.80 -18.05
N VAL D 26 25.91 -18.49 -17.74
CA VAL D 26 25.97 -19.95 -17.81
C VAL D 26 26.47 -20.54 -16.50
N GLY D 27 25.74 -21.53 -15.99
CA GLY D 27 26.07 -22.19 -14.73
C GLY D 27 26.71 -23.55 -14.91
N TYR D 28 27.73 -23.82 -14.11
CA TYR D 28 28.45 -25.09 -14.16
C TYR D 28 28.44 -25.78 -12.80
N VAL D 29 28.10 -27.08 -12.81
CA VAL D 29 28.25 -27.93 -11.63
C VAL D 29 29.39 -28.91 -11.90
N ASP D 30 30.38 -28.89 -11.01
CA ASP D 30 31.73 -29.36 -11.31
C ASP D 30 32.20 -28.57 -12.53
N ASP D 31 32.41 -29.23 -13.66
CA ASP D 31 32.75 -28.52 -14.89
C ASP D 31 31.69 -28.72 -15.98
N LYS D 32 30.59 -29.35 -15.62
CA LYS D 32 29.48 -29.61 -16.53
C LYS D 32 28.47 -28.45 -16.51
N GLU D 33 28.08 -28.00 -17.69
CA GLU D 33 27.04 -26.98 -17.84
C GLU D 33 25.69 -27.55 -17.44
N PHE D 34 24.96 -26.82 -16.58
CA PHE D 34 23.65 -27.27 -16.12
C PHE D 34 22.54 -26.24 -16.34
N VAL D 35 22.91 -24.97 -16.49
CA VAL D 35 21.93 -23.89 -16.65
C VAL D 35 22.47 -22.75 -17.52
N ARG D 36 21.57 -22.08 -18.25
CA ARG D 36 21.97 -21.06 -19.22
C ARG D 36 20.95 -19.93 -19.41
N PHE D 37 21.46 -18.71 -19.59
CA PHE D 37 20.64 -17.53 -19.90
C PHE D 37 21.26 -16.74 -21.05
N ASP D 38 20.44 -16.45 -22.06
CA ASP D 38 20.87 -15.66 -23.21
C ASP D 38 19.87 -14.56 -23.50
N SER D 39 20.36 -13.33 -23.59
CA SER D 39 19.51 -12.16 -23.84
C SER D 39 19.07 -12.06 -25.31
N ASP D 40 19.82 -12.70 -26.20
CA ASP D 40 19.54 -12.67 -27.64
C ASP D 40 18.34 -13.52 -28.04
N ALA D 41 18.01 -14.52 -27.22
CA ALA D 41 16.85 -15.36 -27.45
C ALA D 41 15.57 -14.52 -27.46
N GLU D 42 14.66 -14.89 -28.37
CA GLU D 42 13.37 -14.19 -28.54
C GLU D 42 12.62 -13.95 -27.22
N ASN D 43 12.51 -14.99 -26.40
CA ASN D 43 11.93 -14.88 -25.07
C ASN D 43 12.97 -15.25 -24.00
N PRO D 44 13.80 -14.30 -23.57
CA PRO D 44 15.08 -14.69 -22.97
C PRO D 44 15.00 -15.57 -21.71
N ARG D 45 14.15 -15.23 -20.74
CA ARG D 45 13.82 -16.14 -19.65
C ARG D 45 15.05 -16.73 -18.92
N TYR D 46 14.98 -18.04 -18.70
CA TYR D 46 16.05 -18.87 -18.15
C TYR D 46 15.72 -20.28 -18.63
N GLU D 47 16.67 -21.23 -18.57
CA GLU D 47 16.42 -22.63 -19.03
C GLU D 47 17.30 -23.75 -18.41
N PRO D 48 16.85 -25.01 -18.54
CA PRO D 48 17.59 -26.19 -18.09
C PRO D 48 18.47 -26.74 -19.21
N GLN D 49 19.68 -27.16 -18.87
CA GLN D 49 20.63 -27.69 -19.86
C GLN D 49 20.89 -29.19 -19.69
N VAL D 50 20.39 -29.74 -18.58
CA VAL D 50 20.46 -31.17 -18.27
C VAL D 50 19.10 -31.66 -17.78
N PRO D 51 18.79 -32.96 -18.00
CA PRO D 51 17.49 -33.51 -17.59
C PRO D 51 17.20 -33.41 -16.09
N TRP D 52 18.22 -33.64 -15.26
CA TRP D 52 18.04 -33.68 -13.80
C TRP D 52 17.72 -32.33 -13.14
N MET D 53 17.68 -31.26 -13.93
CA MET D 53 17.30 -29.94 -13.45
C MET D 53 15.85 -29.59 -13.77
N GLU D 54 15.08 -30.58 -14.22
CA GLU D 54 13.68 -30.38 -14.55
C GLU D 54 12.81 -30.38 -13.30
N GLN D 55 13.22 -31.16 -12.30
CA GLN D 55 12.48 -31.31 -11.04
C GLN D 55 12.38 -30.01 -10.21
N GLU D 56 12.89 -28.91 -10.74
CA GLU D 56 12.81 -27.61 -10.09
C GLU D 56 11.50 -26.89 -10.42
N GLY D 57 10.88 -26.31 -9.39
CA GLY D 57 9.58 -25.65 -9.53
C GLY D 57 9.58 -24.42 -10.41
N PRO D 58 8.39 -24.02 -10.90
CA PRO D 58 8.24 -22.82 -11.73
C PRO D 58 8.62 -21.53 -11.00
N GLU D 59 8.58 -21.56 -9.67
CA GLU D 59 9.02 -20.42 -8.84
C GLU D 59 10.54 -20.21 -8.93
N TYR D 60 11.28 -21.32 -8.94
CA TYR D 60 12.73 -21.29 -9.04
C TYR D 60 13.19 -20.63 -10.33
N TRP D 61 12.58 -21.03 -11.45
CA TRP D 61 12.96 -20.51 -12.76
C TRP D 61 12.55 -19.05 -12.95
N GLU D 62 11.38 -18.70 -12.44
CA GLU D 62 10.85 -17.35 -12.57
C GLU D 62 11.67 -16.34 -11.77
N ARG D 63 12.04 -16.72 -10.55
CA ARG D 63 12.84 -15.87 -9.67
C ARG D 63 14.26 -15.70 -10.22
N ILE D 64 14.86 -16.83 -10.61
CA ILE D 64 16.23 -16.86 -11.12
C ILE D 64 16.37 -16.06 -12.42
N THR D 65 15.26 -15.91 -13.14
CA THR D 65 15.23 -15.17 -14.40
C THR D 65 15.26 -13.66 -14.15
N GLN D 66 14.43 -13.19 -13.23
CA GLN D 66 14.39 -11.75 -12.87
C GLN D 66 15.69 -11.30 -12.21
N VAL D 67 16.42 -12.23 -11.61
CA VAL D 67 17.76 -11.96 -11.08
C VAL D 67 18.72 -11.63 -12.23
N ALA D 68 18.66 -12.44 -13.28
CA ALA D 68 19.48 -12.22 -14.48
C ALA D 68 19.07 -10.94 -15.22
N LYS D 69 17.76 -10.66 -15.24
CA LYS D 69 17.22 -9.42 -15.82
C LYS D 69 17.79 -8.19 -15.13
N GLY D 70 18.00 -8.30 -13.81
CA GLY D 70 18.66 -7.26 -13.02
C GLY D 70 20.14 -7.18 -13.33
N GLN D 71 20.78 -8.33 -13.45
CA GLN D 71 22.22 -8.42 -13.75
C GLN D 71 22.62 -7.64 -15.01
N GLU D 72 21.72 -7.61 -16.00
CA GLU D 72 21.95 -6.87 -17.25
C GLU D 72 22.17 -5.39 -16.98
N GLN D 73 21.42 -4.84 -16.02
CA GLN D 73 21.57 -3.44 -15.61
C GLN D 73 22.93 -3.18 -14.97
N TRP D 74 23.41 -4.11 -14.15
CA TRP D 74 24.73 -4.01 -13.54
C TRP D 74 25.80 -3.90 -14.62
N PHE D 75 25.71 -4.76 -15.63
CA PHE D 75 26.67 -4.76 -16.72
C PHE D 75 26.59 -3.51 -17.60
N ARG D 76 25.37 -3.11 -17.99
CA ARG D 76 25.17 -1.87 -18.74
C ARG D 76 25.84 -0.70 -18.06
N VAL D 77 25.57 -0.54 -16.76
CA VAL D 77 26.16 0.51 -15.96
C VAL D 77 27.68 0.38 -15.87
N ASN D 78 28.16 -0.81 -15.54
CA ASN D 78 29.58 -0.99 -15.25
C ASN D 78 30.51 -1.07 -16.46
N LEU D 79 29.96 -1.45 -17.61
CA LEU D 79 30.70 -1.32 -18.88
C LEU D 79 30.99 0.15 -19.11
N ARG D 80 30.01 0.98 -18.79
CA ARG D 80 30.07 2.41 -18.99
C ARG D 80 31.11 3.05 -18.06
N THR D 81 31.19 2.59 -16.81
CA THR D 81 32.16 3.17 -15.88
C THR D 81 33.60 2.77 -16.24
N LEU D 82 33.80 1.56 -16.75
CA LEU D 82 35.13 1.12 -17.19
C LEU D 82 35.63 1.91 -18.40
N LEU D 83 34.72 2.37 -19.25
CA LEU D 83 35.07 3.30 -20.34
C LEU D 83 35.68 4.58 -19.79
N GLY D 84 35.13 5.04 -18.66
CA GLY D 84 35.63 6.21 -17.95
C GLY D 84 37.02 5.96 -17.35
N TYR D 85 37.16 4.86 -16.61
CA TYR D 85 38.43 4.50 -15.98
C TYR D 85 39.58 4.40 -16.98
N TYR D 86 39.30 3.79 -18.14
CA TYR D 86 40.32 3.49 -19.14
C TYR D 86 40.41 4.54 -20.26
N ASN D 87 39.61 5.59 -20.15
CA ASN D 87 39.61 6.71 -21.12
C ASN D 87 39.31 6.26 -22.56
N GLN D 88 38.39 5.31 -22.70
CA GLN D 88 38.05 4.73 -23.99
C GLN D 88 36.83 5.41 -24.63
N SER D 89 36.80 5.42 -25.96
CA SER D 89 35.70 5.99 -26.73
C SER D 89 34.40 5.22 -26.57
N ALA D 90 33.28 5.92 -26.73
CA ALA D 90 31.94 5.32 -26.60
C ALA D 90 31.50 4.56 -27.85
N GLY D 91 32.22 4.76 -28.96
CA GLY D 91 31.92 4.08 -30.21
C GLY D 91 32.60 2.74 -30.39
N GLY D 92 33.10 2.18 -29.29
CA GLY D 92 33.78 0.89 -29.32
C GLY D 92 32.95 -0.20 -28.68
N THR D 93 33.40 -1.45 -28.84
CA THR D 93 32.73 -2.60 -28.24
C THR D 93 33.66 -3.26 -27.22
N HIS D 94 33.10 -3.69 -26.09
CA HIS D 94 33.87 -4.28 -25.01
C HIS D 94 33.20 -5.47 -24.35
N THR D 95 34.00 -6.29 -23.69
CA THR D 95 33.51 -7.49 -23.00
C THR D 95 33.83 -7.41 -21.51
N LEU D 96 32.81 -7.64 -20.69
CA LEU D 96 33.00 -7.72 -19.25
C LEU D 96 32.45 -9.06 -18.75
N GLN D 97 33.32 -9.90 -18.20
CA GLN D 97 32.90 -11.19 -17.66
C GLN D 97 33.02 -11.25 -16.14
N ARG D 98 32.02 -11.88 -15.53
CA ARG D 98 32.02 -12.10 -14.09
C ARG D 98 31.98 -13.59 -13.80
N MET D 99 32.81 -14.03 -12.87
CA MET D 99 32.79 -15.40 -12.39
C MET D 99 32.66 -15.41 -10.87
N TYR D 100 31.73 -16.22 -10.37
CA TYR D 100 31.63 -16.50 -8.94
C TYR D 100 31.28 -17.97 -8.72
N GLY D 101 31.47 -18.43 -7.50
CA GLY D 101 31.16 -19.81 -7.16
C GLY D 101 31.91 -20.32 -5.95
N CYS D 102 31.81 -21.63 -5.73
CA CYS D 102 32.37 -22.25 -4.53
C CYS D 102 32.97 -23.62 -4.82
N ASP D 103 33.99 -23.97 -4.02
CA ASP D 103 34.62 -25.29 -4.10
C ASP D 103 34.45 -26.03 -2.79
N VAL D 104 34.02 -27.29 -2.88
CA VAL D 104 33.93 -28.18 -1.72
C VAL D 104 34.28 -29.61 -2.16
N GLY D 105 35.00 -30.32 -1.30
CA GLY D 105 35.31 -31.72 -1.56
C GLY D 105 35.03 -32.71 -0.43
N SER D 106 33.76 -32.98 -0.17
CA SER D 106 33.34 -34.13 0.65
C SER D 106 33.36 -33.96 2.18
N ASP D 107 33.68 -32.78 2.66
CA ASP D 107 33.63 -32.50 4.10
C ASP D 107 32.32 -31.77 4.34
N GLY D 108 31.49 -31.82 3.31
CA GLY D 108 30.36 -30.94 3.08
C GLY D 108 30.65 -29.50 3.49
N ARG D 109 31.92 -29.14 3.50
CA ARG D 109 32.33 -27.79 3.87
C ARG D 109 32.83 -27.02 2.65
N LEU D 110 33.23 -25.77 2.88
CA LEU D 110 33.72 -24.91 1.81
C LEU D 110 35.25 -24.87 1.81
N LEU D 111 35.83 -24.87 0.61
CA LEU D 111 37.29 -24.82 0.47
C LEU D 111 37.76 -23.47 -0.05
N ARG D 112 37.10 -23.09 -1.02
CA ARG D 112 37.45 -21.83 -1.66
C ARG D 112 36.21 -21.08 -2.15
N GLY D 113 36.21 -19.69 -2.09
CA GLY D 113 35.17 -18.84 -2.68
C GLY D 113 35.69 -18.09 -3.89
N TYR D 114 34.79 -17.57 -4.72
CA TYR D 114 35.17 -16.85 -5.94
C TYR D 114 34.30 -15.63 -6.23
N GLU D 115 34.95 -14.53 -6.54
CA GLU D 115 34.30 -13.33 -7.09
C GLU D 115 35.37 -12.56 -7.85
N GLN D 116 35.38 -12.72 -9.16
CA GLN D 116 36.41 -12.11 -10.00
C GLN D 116 35.86 -11.59 -11.34
N PHE D 117 36.61 -10.67 -11.94
CA PHE D 117 36.18 -9.99 -13.15
C PHE D 117 37.28 -9.91 -14.20
N ALA D 118 36.88 -10.06 -15.46
CA ALA D 118 37.78 -9.90 -16.60
C ALA D 118 37.21 -8.86 -17.57
N TYR D 119 38.09 -8.00 -18.08
CA TYR D 119 37.69 -6.94 -19.00
C TYR D 119 38.47 -7.03 -20.31
N ASP D 120 37.74 -7.35 -21.39
CA ASP D 120 38.33 -7.60 -22.71
C ASP D 120 39.38 -8.72 -22.67
N GLY D 121 39.14 -9.73 -21.82
CA GLY D 121 39.99 -10.92 -21.74
C GLY D 121 41.22 -10.77 -20.86
N CYS D 122 41.28 -9.68 -20.10
CA CYS D 122 42.36 -9.45 -19.14
C CYS D 122 41.79 -9.40 -17.73
N ASP D 123 42.54 -9.93 -16.77
CA ASP D 123 42.14 -9.91 -15.37
C ASP D 123 41.94 -8.49 -14.90
N TYR D 124 40.85 -8.25 -14.19
CA TYR D 124 40.57 -6.93 -13.62
C TYR D 124 40.71 -6.97 -12.09
N ILE D 125 39.75 -7.59 -11.42
CA ILE D 125 39.77 -7.72 -9.96
C ILE D 125 39.34 -9.13 -9.55
N ALA D 126 39.89 -9.61 -8.44
CA ALA D 126 39.62 -10.96 -7.97
C ALA D 126 39.62 -11.05 -6.44
N LEU D 127 38.61 -11.73 -5.89
CA LEU D 127 38.53 -12.00 -4.46
C LEU D 127 39.52 -13.10 -4.10
N ASN D 128 40.38 -12.78 -3.14
CA ASN D 128 41.42 -13.70 -2.69
C ASN D 128 40.89 -14.85 -1.85
N GLU D 129 41.70 -15.89 -1.75
CA GLU D 129 41.36 -17.12 -1.04
C GLU D 129 40.80 -16.89 0.37
N ASP D 130 41.19 -15.78 0.99
CA ASP D 130 40.76 -15.44 2.34
C ASP D 130 39.40 -14.75 2.38
N LEU D 131 38.95 -14.28 1.22
CA LEU D 131 37.67 -13.58 1.11
C LEU D 131 37.66 -12.35 2.03
N ARG D 132 38.77 -11.62 2.02
CA ARG D 132 38.92 -10.40 2.78
C ARG D 132 39.68 -9.38 1.94
N THR D 133 40.59 -9.88 1.13
CA THR D 133 41.48 -9.04 0.33
C THR D 133 41.18 -9.19 -1.17
N TRP D 134 41.68 -8.25 -1.95
CA TRP D 134 41.44 -8.24 -3.38
C TRP D 134 42.73 -8.10 -4.18
N THR D 135 42.80 -8.82 -5.31
CA THR D 135 43.89 -8.67 -6.25
C THR D 135 43.42 -7.78 -7.40
N ALA D 136 44.11 -6.65 -7.59
CA ALA D 136 43.79 -5.72 -8.66
C ALA D 136 44.92 -5.73 -9.68
N ALA D 137 44.58 -5.93 -10.95
CA ALA D 137 45.57 -6.08 -12.01
C ALA D 137 46.27 -4.77 -12.39
N ASP D 138 45.50 -3.70 -12.59
CA ASP D 138 46.06 -2.43 -13.02
C ASP D 138 45.56 -1.23 -12.19
N MET D 139 45.79 -0.03 -12.71
CA MET D 139 45.39 1.22 -12.05
C MET D 139 43.87 1.37 -11.94
N ALA D 140 43.16 1.05 -13.02
CA ALA D 140 41.70 1.15 -13.03
C ALA D 140 41.09 0.25 -11.97
N ALA D 141 41.60 -0.98 -11.89
CA ALA D 141 41.14 -1.95 -10.90
C ALA D 141 41.50 -1.55 -9.47
N GLN D 142 42.57 -0.78 -9.34
CA GLN D 142 43.00 -0.23 -8.05
C GLN D 142 41.91 0.64 -7.43
N ILE D 143 41.28 1.48 -8.25
CA ILE D 143 40.19 2.35 -7.82
C ILE D 143 39.05 1.51 -7.19
N THR D 144 38.65 0.47 -7.90
CA THR D 144 37.62 -0.47 -7.43
C THR D 144 38.06 -1.15 -6.13
N ARG D 145 39.31 -1.62 -6.11
CA ARG D 145 39.88 -2.31 -4.95
C ARG D 145 39.88 -1.42 -3.70
N ARG D 146 40.22 -0.15 -3.90
CA ARG D 146 40.26 0.82 -2.81
C ARG D 146 38.91 1.01 -2.14
N LYS D 147 37.84 1.16 -2.93
CA LYS D 147 36.52 1.39 -2.34
C LYS D 147 35.79 0.11 -1.91
N TRP D 148 36.14 -1.03 -2.49
CA TRP D 148 35.60 -2.32 -2.06
C TRP D 148 36.17 -2.72 -0.69
N GLU D 149 37.43 -2.39 -0.46
CA GLU D 149 38.06 -2.63 0.84
C GLU D 149 37.46 -1.74 1.92
N GLN D 150 37.21 -0.47 1.58
CA GLN D 150 36.63 0.47 2.53
C GLN D 150 35.16 0.18 2.83
N ALA D 151 34.39 -0.19 1.81
CA ALA D 151 32.95 -0.45 1.97
C ALA D 151 32.63 -1.81 2.58
N GLY D 152 33.52 -2.78 2.40
CA GLY D 152 33.33 -4.12 2.94
C GLY D 152 32.63 -5.07 1.98
N ALA D 153 32.98 -4.98 0.69
CA ALA D 153 32.37 -5.81 -0.34
C ALA D 153 32.63 -7.30 -0.09
N ALA D 154 33.85 -7.62 0.37
CA ALA D 154 34.24 -8.99 0.66
C ALA D 154 33.25 -9.67 1.62
N GLU D 155 32.92 -8.97 2.70
CA GLU D 155 31.95 -9.46 3.68
C GLU D 155 30.57 -9.63 3.05
N TYR D 156 30.22 -8.73 2.13
CA TYR D 156 28.96 -8.82 1.39
C TYR D 156 28.89 -10.12 0.60
N TYR D 157 29.93 -10.40 -0.18
CA TYR D 157 30.00 -11.63 -0.99
C TYR D 157 30.16 -12.89 -0.14
N ARG D 158 30.78 -12.75 1.04
CA ARG D 158 31.04 -13.88 1.93
C ARG D 158 29.76 -14.51 2.49
N ALA D 159 28.72 -13.69 2.64
CA ALA D 159 27.41 -14.15 3.13
C ALA D 159 26.76 -15.16 2.18
N TYR D 160 27.01 -15.00 0.88
CA TYR D 160 26.51 -15.94 -0.12
C TYR D 160 27.41 -17.17 -0.25
N LEU D 161 28.71 -16.94 -0.37
CA LEU D 161 29.68 -17.99 -0.65
C LEU D 161 29.79 -19.03 0.46
N GLU D 162 29.66 -18.60 1.71
CA GLU D 162 29.71 -19.51 2.85
C GLU D 162 28.36 -20.18 3.11
N GLY D 163 27.27 -19.51 2.75
CA GLY D 163 25.92 -20.01 3.00
C GLY D 163 25.26 -20.65 1.80
N GLU D 164 24.57 -19.82 1.00
CA GLU D 164 23.73 -20.31 -0.11
C GLU D 164 24.47 -21.04 -1.23
N CYS D 165 25.67 -20.58 -1.57
CA CYS D 165 26.47 -21.19 -2.64
C CYS D 165 26.67 -22.69 -2.40
N VAL D 166 27.07 -23.04 -1.18
CA VAL D 166 27.32 -24.42 -0.79
C VAL D 166 26.02 -25.21 -0.69
N GLU D 167 25.02 -24.63 -0.03
CA GLU D 167 23.71 -25.27 0.15
C GLU D 167 23.07 -25.69 -1.17
N TRP D 168 23.03 -24.77 -2.13
CA TRP D 168 22.45 -25.04 -3.44
C TRP D 168 23.27 -26.03 -4.26
N LEU D 169 24.59 -26.02 -4.06
CA LEU D 169 25.48 -26.97 -4.73
C LEU D 169 25.16 -28.42 -4.36
N HIS D 170 25.00 -28.69 -3.06
CA HIS D 170 24.64 -30.03 -2.60
C HIS D 170 23.20 -30.38 -3.01
N ARG D 171 22.32 -29.37 -2.98
CA ARG D 171 20.97 -29.48 -3.51
C ARG D 171 21.00 -29.93 -4.98
N TYR D 172 21.91 -29.34 -5.76
CA TYR D 172 22.11 -29.72 -7.16
C TYR D 172 22.81 -31.07 -7.29
N LEU D 173 23.87 -31.28 -6.48
CA LEU D 173 24.62 -32.54 -6.48
C LEU D 173 23.75 -33.73 -6.16
N LYS D 174 22.81 -33.54 -5.23
CA LYS D 174 21.77 -34.53 -4.94
C LYS D 174 20.82 -34.61 -6.15
N ASN D 175 21.35 -35.17 -7.23
CA ASN D 175 20.66 -35.34 -8.50
C ASN D 175 21.63 -36.13 -9.37
N GLY D 176 21.09 -36.86 -10.35
CA GLY D 176 21.92 -37.68 -11.22
C GLY D 176 22.73 -38.73 -10.46
N GLN E 1 20.05 -20.90 -6.11
CA GLN E 1 19.99 -19.42 -6.07
C GLN E 1 21.33 -18.77 -6.42
N LEU E 2 21.24 -17.56 -6.95
CA LEU E 2 22.39 -16.83 -7.44
C LEU E 2 22.94 -15.90 -6.36
N SER E 3 24.15 -15.37 -6.59
CA SER E 3 24.76 -14.43 -5.66
C SER E 3 23.95 -13.12 -5.61
N PRO E 4 24.08 -12.35 -4.51
CA PRO E 4 23.41 -11.06 -4.44
C PRO E 4 23.91 -10.13 -5.54
N PHE E 5 23.17 -9.07 -5.80
CA PHE E 5 23.55 -8.06 -6.79
C PHE E 5 24.96 -7.57 -6.49
N PRO E 6 25.88 -7.70 -7.46
CA PRO E 6 27.29 -7.37 -7.21
C PRO E 6 27.54 -5.88 -6.95
N PHE E 7 28.64 -5.60 -6.26
CA PHE E 7 29.10 -4.24 -6.01
C PHE E 7 29.42 -3.53 -7.33
N ASP E 8 29.45 -2.20 -7.30
CA ASP E 8 29.81 -1.41 -8.49
C ASP E 8 31.33 -1.33 -8.63
N LEU E 9 31.79 -1.43 -9.88
CA LEU E 9 33.22 -1.40 -10.21
C LEU E 9 33.88 -0.05 -9.95
N GLN F 4 -9.31 0.39 -10.80
CA GLN F 4 -8.04 1.05 -11.09
C GLN F 4 -8.12 2.57 -11.00
N SER F 5 -9.18 3.18 -11.52
CA SER F 5 -9.33 4.64 -11.48
C SER F 5 -10.74 5.18 -11.76
N VAL F 6 -10.96 6.44 -11.37
CA VAL F 6 -12.17 7.20 -11.72
C VAL F 6 -11.70 8.58 -12.18
N THR F 7 -12.00 8.92 -13.44
CA THR F 7 -11.48 10.14 -14.05
C THR F 7 -12.56 11.16 -14.38
N GLN F 8 -12.33 12.41 -13.97
CA GLN F 8 -13.22 13.52 -14.29
C GLN F 8 -12.46 14.57 -15.10
N PRO F 9 -13.06 15.06 -16.20
CA PRO F 9 -12.40 15.92 -17.20
C PRO F 9 -11.67 17.12 -16.62
N ASP F 10 -12.39 18.03 -15.96
CA ASP F 10 -11.78 19.23 -15.39
C ASP F 10 -12.29 19.57 -13.99
N ALA F 11 -11.40 20.15 -13.19
CA ALA F 11 -11.67 20.47 -11.79
C ALA F 11 -12.55 21.69 -11.59
N ARG F 12 -12.50 22.64 -12.53
CA ARG F 12 -13.32 23.85 -12.45
C ARG F 12 -14.25 23.96 -13.65
N VAL F 13 -15.54 24.07 -13.36
CA VAL F 13 -16.55 24.24 -14.40
C VAL F 13 -17.45 25.42 -14.02
N THR F 14 -17.63 26.33 -14.98
CA THR F 14 -18.50 27.48 -14.79
C THR F 14 -19.59 27.46 -15.87
N VAL F 15 -20.84 27.52 -15.43
CA VAL F 15 -21.99 27.69 -16.32
C VAL F 15 -22.86 28.83 -15.81
N SER F 16 -23.71 29.38 -16.67
CA SER F 16 -24.64 30.42 -16.26
C SER F 16 -25.96 29.84 -15.78
N GLU F 17 -26.63 30.56 -14.89
CA GLU F 17 -27.89 30.14 -14.30
C GLU F 17 -28.94 29.82 -15.37
N GLY F 18 -29.58 28.66 -15.24
CA GLY F 18 -30.62 28.24 -16.17
C GLY F 18 -30.15 27.39 -17.34
N ALA F 19 -28.84 27.28 -17.51
CA ALA F 19 -28.26 26.45 -18.57
C ALA F 19 -28.26 24.96 -18.19
N SER F 20 -28.03 24.11 -19.19
CA SER F 20 -27.96 22.67 -18.97
C SER F 20 -26.54 22.24 -18.62
N LEU F 21 -26.43 21.28 -17.72
CA LEU F 21 -25.14 20.85 -17.19
C LEU F 21 -24.85 19.38 -17.47
N GLN F 22 -23.61 19.11 -17.87
CA GLN F 22 -23.11 17.74 -17.95
C GLN F 22 -21.75 17.63 -17.26
N LEU F 23 -21.67 16.77 -16.26
CA LEU F 23 -20.39 16.49 -15.62
C LEU F 23 -19.98 15.07 -15.96
N ARG F 24 -18.91 14.97 -16.76
CA ARG F 24 -18.46 13.69 -17.28
C ARG F 24 -17.66 12.90 -16.25
N CYS F 25 -17.65 11.58 -16.41
CA CYS F 25 -16.88 10.70 -15.54
C CYS F 25 -16.56 9.41 -16.29
N LYS F 26 -15.30 8.98 -16.19
CA LYS F 26 -14.86 7.73 -16.78
C LYS F 26 -14.27 6.80 -15.71
N TYR F 27 -14.12 5.54 -16.07
CA TYR F 27 -13.53 4.53 -15.19
C TYR F 27 -12.87 3.43 -16.01
N SER F 28 -11.86 2.80 -15.43
CA SER F 28 -11.29 1.57 -15.98
C SER F 28 -11.11 0.54 -14.88
N TYR F 29 -11.93 -0.50 -14.92
CA TYR F 29 -11.91 -1.59 -13.95
C TYR F 29 -12.03 -2.93 -14.68
N SER F 30 -11.57 -3.99 -14.02
CA SER F 30 -11.62 -5.35 -14.58
C SER F 30 -13.03 -5.71 -15.03
N ALA F 31 -14.00 -5.48 -14.15
CA ALA F 31 -15.42 -5.64 -14.45
C ALA F 31 -16.13 -4.33 -14.16
N THR F 32 -17.28 -4.11 -14.78
CA THR F 32 -18.05 -2.90 -14.52
C THR F 32 -18.44 -2.87 -13.04
N PRO F 33 -18.14 -1.75 -12.36
CA PRO F 33 -18.34 -1.66 -10.92
C PRO F 33 -19.66 -0.98 -10.56
N TYR F 34 -19.87 -0.77 -9.26
CA TYR F 34 -20.99 0.02 -8.78
C TYR F 34 -20.60 1.48 -8.90
N LEU F 35 -21.53 2.32 -9.37
CA LEU F 35 -21.23 3.71 -9.71
C LEU F 35 -22.12 4.69 -8.96
N PHE F 36 -21.52 5.78 -8.48
CA PHE F 36 -22.21 6.75 -7.64
C PHE F 36 -21.81 8.16 -8.01
N TRP F 37 -22.71 9.12 -7.79
CA TRP F 37 -22.33 10.53 -7.81
C TRP F 37 -22.63 11.13 -6.45
N TYR F 38 -21.74 12.01 -6.00
CA TYR F 38 -21.90 12.70 -4.73
C TYR F 38 -21.82 14.20 -4.93
N VAL F 39 -22.57 14.94 -4.12
CA VAL F 39 -22.50 16.39 -4.11
C VAL F 39 -22.01 16.84 -2.74
N GLN F 40 -21.17 17.87 -2.73
CA GLN F 40 -20.71 18.47 -1.47
C GLN F 40 -20.90 19.99 -1.49
N TYR F 41 -22.05 20.44 -1.00
CA TYR F 41 -22.32 21.89 -0.91
C TYR F 41 -21.34 22.55 0.06
N PRO F 42 -21.06 23.85 -0.15
CA PRO F 42 -20.05 24.53 0.69
C PRO F 42 -20.27 24.30 2.18
N ARG F 43 -19.16 24.08 2.91
CA ARG F 43 -19.17 23.88 4.36
C ARG F 43 -20.09 22.75 4.86
N GLN F 44 -20.29 21.73 4.01
CA GLN F 44 -21.14 20.59 4.35
C GLN F 44 -20.44 19.27 4.03
N GLY F 45 -20.94 18.18 4.60
CA GLY F 45 -20.47 16.85 4.25
C GLY F 45 -21.04 16.44 2.91
N PRO F 46 -20.33 15.58 2.16
CA PRO F 46 -20.86 15.07 0.89
C PRO F 46 -22.16 14.28 1.06
N GLN F 47 -23.04 14.32 0.07
CA GLN F 47 -24.31 13.58 0.10
C GLN F 47 -24.45 12.78 -1.19
N MET F 48 -25.03 11.58 -1.10
CA MET F 48 -25.26 10.78 -2.29
C MET F 48 -26.35 11.40 -3.18
N LEU F 49 -26.06 11.42 -4.47
CA LEU F 49 -26.94 12.03 -5.46
C LEU F 49 -27.74 10.92 -6.13
N LEU F 50 -27.03 9.95 -6.69
CA LEU F 50 -27.62 8.79 -7.35
C LEU F 50 -26.62 7.64 -7.35
N LYS F 51 -27.11 6.42 -7.53
CA LYS F 51 -26.24 5.26 -7.60
C LYS F 51 -26.65 4.31 -8.71
N TYR F 52 -25.73 3.53 -9.23
CA TYR F 52 -26.05 2.49 -10.20
C TYR F 52 -25.49 1.13 -9.83
N TYR F 53 -26.31 0.09 -9.85
CA TYR F 53 -25.87 -1.28 -9.60
C TYR F 53 -25.96 -2.13 -10.87
N SER F 54 -27.15 -2.17 -11.48
CA SER F 54 -27.42 -2.90 -12.72
C SER F 54 -28.81 -2.56 -13.27
N GLY F 55 -29.20 -3.19 -14.37
CA GLY F 55 -30.51 -2.97 -14.96
C GLY F 55 -30.56 -1.73 -15.83
N ASP F 56 -31.54 -0.86 -15.59
CA ASP F 56 -31.68 0.38 -16.34
C ASP F 56 -30.42 1.24 -16.23
N PRO F 57 -29.81 1.59 -17.38
CA PRO F 57 -28.58 2.39 -17.41
C PRO F 57 -28.79 3.89 -17.17
N VAL F 58 -30.04 4.34 -17.19
CA VAL F 58 -30.36 5.75 -16.90
C VAL F 58 -31.00 5.81 -15.51
N VAL F 59 -30.40 6.58 -14.61
CA VAL F 59 -30.84 6.60 -13.21
C VAL F 59 -31.28 7.98 -12.73
N GLN F 60 -32.28 7.96 -11.86
CA GLN F 60 -32.85 9.17 -11.27
C GLN F 60 -32.21 9.46 -9.92
N GLY F 61 -31.76 10.69 -9.74
CA GLY F 61 -31.20 11.11 -8.48
C GLY F 61 -32.05 12.11 -7.73
N VAL F 62 -31.49 12.61 -6.64
CA VAL F 62 -32.07 13.67 -5.85
C VAL F 62 -31.85 15.01 -6.59
N ASN F 63 -32.55 16.06 -6.16
CA ASN F 63 -32.34 17.43 -6.67
C ASN F 63 -32.39 17.59 -8.20
N GLY F 64 -33.17 16.76 -8.86
CA GLY F 64 -33.33 16.82 -10.30
C GLY F 64 -32.15 16.32 -11.12
N PHE F 65 -31.18 15.71 -10.46
CA PHE F 65 -30.02 15.16 -11.17
C PHE F 65 -30.33 13.80 -11.79
N GLU F 66 -29.60 13.48 -12.85
CA GLU F 66 -29.82 12.28 -13.64
C GLU F 66 -28.49 11.84 -14.23
N ALA F 67 -28.24 10.52 -14.24
CA ALA F 67 -26.99 10.00 -14.79
C ALA F 67 -27.22 8.84 -15.75
N GLU F 68 -26.23 8.60 -16.61
CA GLU F 68 -26.29 7.50 -17.56
C GLU F 68 -25.02 6.64 -17.57
N PHE F 69 -25.20 5.37 -17.26
CA PHE F 69 -24.14 4.37 -17.39
C PHE F 69 -24.02 3.96 -18.85
N SER F 70 -22.78 3.89 -19.34
CA SER F 70 -22.51 3.37 -20.68
C SER F 70 -21.33 2.40 -20.62
N LYS F 71 -21.61 1.12 -20.87
CA LYS F 71 -20.61 0.05 -20.81
C LYS F 71 -19.55 0.17 -21.90
N SER F 72 -19.99 0.43 -23.14
CA SER F 72 -19.09 0.56 -24.28
C SER F 72 -18.17 1.79 -24.17
N ASP F 73 -18.68 2.84 -23.53
CA ASP F 73 -17.97 4.10 -23.37
C ASP F 73 -17.24 4.18 -22.02
N SER F 74 -17.56 3.24 -21.12
CA SER F 74 -17.00 3.20 -19.75
C SER F 74 -17.22 4.52 -19.00
N SER F 75 -18.44 5.04 -19.09
CA SER F 75 -18.75 6.35 -18.57
C SER F 75 -19.99 6.36 -17.69
N PHE F 76 -20.09 7.38 -16.84
CA PHE F 76 -21.23 7.56 -15.95
C PHE F 76 -21.51 9.05 -15.76
N HIS F 77 -21.82 9.72 -16.87
CA HIS F 77 -21.98 11.18 -16.86
C HIS F 77 -23.22 11.65 -16.08
N LEU F 78 -23.07 12.77 -15.36
CA LEU F 78 -24.16 13.37 -14.59
C LEU F 78 -24.76 14.54 -15.37
N ARG F 79 -26.09 14.67 -15.32
CA ARG F 79 -26.79 15.73 -16.03
C ARG F 79 -27.90 16.35 -15.18
N LYS F 80 -28.16 17.63 -15.41
CA LYS F 80 -29.31 18.34 -14.85
C LYS F 80 -29.74 19.44 -15.82
N ALA F 81 -31.04 19.47 -16.10
CA ALA F 81 -31.61 20.30 -17.16
C ALA F 81 -31.40 21.80 -16.98
N SER F 82 -31.67 22.31 -15.78
CA SER F 82 -31.64 23.75 -15.55
C SER F 82 -31.11 24.10 -14.16
N VAL F 83 -29.85 24.54 -14.12
CA VAL F 83 -29.14 24.77 -12.86
C VAL F 83 -29.45 26.10 -12.19
N HIS F 84 -29.34 26.12 -10.87
CA HIS F 84 -29.62 27.31 -10.05
C HIS F 84 -28.38 27.73 -9.27
N ARG F 85 -28.39 28.94 -8.71
CA ARG F 85 -27.34 29.41 -7.80
C ARG F 85 -26.92 28.35 -6.78
N SER F 86 -27.90 27.77 -6.09
CA SER F 86 -27.65 26.82 -5.01
C SER F 86 -27.05 25.48 -5.46
N ASP F 87 -27.01 25.23 -6.77
CA ASP F 87 -26.38 24.04 -7.33
C ASP F 87 -24.86 24.17 -7.38
N SER F 88 -24.33 25.31 -6.91
CA SER F 88 -22.90 25.53 -6.84
C SER F 88 -22.29 24.75 -5.69
N ALA F 89 -21.52 23.73 -6.04
CA ALA F 89 -20.91 22.81 -5.08
C ALA F 89 -19.81 22.00 -5.77
N VAL F 90 -19.22 21.06 -5.03
CA VAL F 90 -18.27 20.12 -5.63
C VAL F 90 -18.98 18.81 -5.92
N TYR F 91 -18.76 18.28 -7.12
CA TYR F 91 -19.41 17.05 -7.55
C TYR F 91 -18.40 15.93 -7.77
N PHE F 92 -18.50 14.88 -6.96
CA PHE F 92 -17.59 13.75 -7.00
C PHE F 92 -18.24 12.55 -7.69
N CYS F 93 -17.56 12.05 -8.71
CA CYS F 93 -17.88 10.73 -9.25
C CYS F 93 -17.26 9.70 -8.31
N ALA F 94 -18.00 8.64 -8.03
CA ALA F 94 -17.54 7.62 -7.08
C ALA F 94 -17.80 6.21 -7.59
N VAL F 95 -16.96 5.28 -7.15
CA VAL F 95 -16.98 3.92 -7.66
C VAL F 95 -16.58 2.93 -6.56
N SER F 96 -17.07 1.68 -6.67
CA SER F 96 -16.62 0.60 -5.80
C SER F 96 -16.57 -0.72 -6.56
N ALA F 97 -15.49 -1.47 -6.35
CA ALA F 97 -15.27 -2.75 -7.04
C ALA F 97 -16.31 -3.81 -6.68
N LYS F 98 -16.42 -4.82 -7.55
CA LYS F 98 -17.41 -5.89 -7.43
C LYS F 98 -17.36 -6.64 -6.09
N GLY F 99 -16.19 -7.20 -5.76
CA GLY F 99 -16.01 -7.91 -4.49
C GLY F 99 -15.60 -7.01 -3.35
N THR F 100 -15.94 -5.73 -3.46
CA THR F 100 -15.48 -4.68 -2.55
C THR F 100 -16.51 -3.55 -2.47
N GLY F 101 -17.77 -3.90 -2.78
CA GLY F 101 -18.86 -2.93 -2.93
C GLY F 101 -19.00 -1.83 -1.91
N SER F 102 -18.56 -2.08 -0.68
CA SER F 102 -18.70 -1.10 0.40
C SER F 102 -17.49 -0.16 0.53
N LYS F 103 -16.46 -0.38 -0.29
CA LYS F 103 -15.26 0.43 -0.26
C LYS F 103 -15.32 1.51 -1.35
N LEU F 104 -15.78 2.70 -0.96
CA LEU F 104 -15.97 3.80 -1.90
C LEU F 104 -14.67 4.50 -2.30
N SER F 105 -14.40 4.47 -3.61
CA SER F 105 -13.28 5.17 -4.18
C SER F 105 -13.79 6.39 -4.94
N PHE F 106 -13.49 7.58 -4.43
CA PHE F 106 -13.90 8.84 -5.05
C PHE F 106 -12.93 9.27 -6.14
N GLY F 107 -13.44 10.00 -7.11
CA GLY F 107 -12.64 10.59 -8.15
C GLY F 107 -12.21 11.93 -7.68
N LYS F 108 -11.48 12.67 -8.50
CA LYS F 108 -11.17 14.04 -8.19
C LYS F 108 -12.43 14.85 -8.32
N GLY F 109 -12.60 15.81 -7.43
CA GLY F 109 -13.81 16.60 -7.41
C GLY F 109 -13.92 17.57 -8.56
N ALA F 110 -15.14 17.99 -8.86
CA ALA F 110 -15.41 19.02 -9.84
C ALA F 110 -16.14 20.18 -9.17
N LYS F 111 -15.47 21.33 -9.09
CA LYS F 111 -16.05 22.51 -8.48
C LYS F 111 -16.92 23.24 -9.50
N LEU F 112 -18.23 23.09 -9.35
CA LEU F 112 -19.18 23.79 -10.20
C LEU F 112 -19.60 25.10 -9.55
N THR F 113 -19.39 26.17 -10.29
CA THR F 113 -19.80 27.50 -9.84
C THR F 113 -20.69 28.12 -10.92
N VAL F 114 -21.96 28.35 -10.58
CA VAL F 114 -22.92 28.91 -11.53
C VAL F 114 -23.20 30.39 -11.25
N SER F 115 -23.32 31.17 -12.32
CA SER F 115 -23.52 32.62 -12.23
C SER F 115 -25.00 32.96 -12.04
N ALA F 139 -27.59 13.05 12.54
CA ALA F 139 -27.64 11.56 12.63
C ALA F 139 -26.23 10.95 12.66
N VAL F 140 -25.30 11.55 11.92
CA VAL F 140 -23.88 11.22 12.03
C VAL F 140 -23.15 12.46 12.57
N THR F 141 -22.76 12.41 13.84
CA THR F 141 -22.14 13.58 14.49
C THR F 141 -20.66 13.36 14.83
N GLN F 142 -19.83 14.30 14.39
CA GLN F 142 -18.38 14.24 14.62
C GLN F 142 -17.98 15.18 15.75
N SER F 143 -16.81 14.91 16.33
CA SER F 143 -16.31 15.69 17.46
C SER F 143 -14.80 15.54 17.61
N PRO F 144 -14.06 16.66 17.82
CA PRO F 144 -14.58 18.03 17.83
C PRO F 144 -14.72 18.57 16.42
N ARG F 145 -15.48 19.66 16.27
CA ARG F 145 -15.66 20.28 14.96
C ARG F 145 -14.39 21.01 14.52
N ASN F 146 -13.75 21.69 15.46
CA ASN F 146 -12.51 22.40 15.21
C ASN F 146 -11.44 22.03 16.24
N LYS F 147 -10.23 21.78 15.77
CA LYS F 147 -9.13 21.40 16.64
C LYS F 147 -7.80 21.91 16.10
N VAL F 148 -7.06 22.59 16.97
CA VAL F 148 -5.69 22.99 16.69
C VAL F 148 -4.76 22.35 17.72
N THR F 149 -3.71 21.70 17.22
CA THR F 149 -2.79 20.92 18.03
C THR F 149 -1.37 21.17 17.53
N VAL F 150 -0.38 20.64 18.25
CA VAL F 150 1.02 20.81 17.85
C VAL F 150 1.65 19.49 17.43
N THR F 151 2.75 19.57 16.68
CA THR F 151 3.50 18.41 16.20
C THR F 151 3.88 17.48 17.34
N GLY F 152 3.69 16.18 17.14
CA GLY F 152 4.07 15.17 18.11
C GLY F 152 2.96 14.78 19.07
N GLU F 153 1.88 15.54 19.06
CA GLU F 153 0.75 15.31 19.96
C GLU F 153 -0.14 14.14 19.53
N ASN F 154 -0.87 13.60 20.49
CA ASN F 154 -1.79 12.50 20.26
C ASN F 154 -3.20 13.04 20.15
N VAL F 155 -3.80 12.89 18.97
CA VAL F 155 -5.10 13.48 18.67
C VAL F 155 -6.14 12.39 18.32
N THR F 156 -7.32 12.51 18.92
CA THR F 156 -8.41 11.59 18.69
C THR F 156 -9.67 12.32 18.21
N LEU F 157 -10.18 11.90 17.05
CA LEU F 157 -11.44 12.42 16.53
C LEU F 157 -12.54 11.38 16.78
N SER F 158 -13.71 11.85 17.18
CA SER F 158 -14.85 10.97 17.50
C SER F 158 -15.94 11.03 16.45
N CYS F 159 -16.73 9.96 16.39
CA CYS F 159 -17.90 9.91 15.53
C CYS F 159 -18.93 8.97 16.11
N ARG F 160 -20.15 9.49 16.29
CA ARG F 160 -21.29 8.69 16.72
C ARG F 160 -22.36 8.69 15.63
N GLN F 161 -22.99 7.53 15.43
CA GLN F 161 -24.09 7.43 14.46
C GLN F 161 -25.27 6.63 15.02
N THR F 162 -26.44 7.25 14.96
CA THR F 162 -27.67 6.65 15.49
C THR F 162 -28.56 6.16 14.35
N ASN F 163 -27.97 5.89 13.20
CA ASN F 163 -28.68 5.38 12.04
C ASN F 163 -28.91 3.87 12.07
N SER F 164 -28.34 3.21 13.08
CA SER F 164 -28.33 1.75 13.19
C SER F 164 -27.66 1.08 11.99
N HIS F 165 -26.65 1.76 11.43
CA HIS F 165 -25.85 1.24 10.32
C HIS F 165 -24.72 0.38 10.85
N ASN F 166 -24.17 -0.48 10.00
CA ASN F 166 -23.09 -1.37 10.39
C ASN F 166 -21.74 -0.94 9.83
N TYR F 167 -21.78 -0.25 8.69
CA TYR F 167 -20.56 0.31 8.10
C TYR F 167 -20.28 1.70 8.64
N MET F 168 -19.03 1.94 9.03
CA MET F 168 -18.57 3.29 9.36
C MET F 168 -17.23 3.60 8.67
N TYR F 169 -17.01 4.88 8.37
CA TYR F 169 -15.83 5.32 7.61
C TYR F 169 -15.14 6.54 8.20
N TRP F 170 -13.83 6.64 7.95
CA TRP F 170 -13.10 7.88 8.12
C TRP F 170 -12.42 8.27 6.80
N TYR F 171 -12.71 9.49 6.34
CA TYR F 171 -12.07 10.05 5.15
C TYR F 171 -11.28 11.29 5.53
N ARG F 172 -10.23 11.58 4.78
CA ARG F 172 -9.56 12.86 4.90
C ARG F 172 -9.79 13.66 3.64
N GLN F 173 -10.04 14.95 3.82
CA GLN F 173 -10.20 15.90 2.71
C GLN F 173 -9.18 17.03 2.87
N ASP F 174 -8.05 16.91 2.16
CA ASP F 174 -6.96 17.89 2.25
C ASP F 174 -7.29 19.16 1.47
N THR F 175 -7.97 18.98 0.34
CA THR F 175 -8.43 20.08 -0.50
C THR F 175 -9.86 19.78 -0.92
N GLY F 176 -10.61 20.82 -1.25
CA GLY F 176 -12.01 20.67 -1.66
C GLY F 176 -12.23 19.81 -2.89
N HIS F 177 -11.15 19.23 -3.42
CA HIS F 177 -11.21 18.40 -4.62
C HIS F 177 -11.03 16.90 -4.36
N GLU F 178 -10.98 16.49 -3.09
CA GLU F 178 -10.50 15.16 -2.77
C GLU F 178 -11.16 14.52 -1.54
N LEU F 179 -11.45 13.22 -1.63
CA LEU F 179 -11.95 12.41 -0.51
C LEU F 179 -11.24 11.06 -0.48
N ARG F 180 -10.30 10.91 0.43
CA ARG F 180 -9.49 9.70 0.49
C ARG F 180 -9.79 8.85 1.72
N LEU F 181 -10.02 7.56 1.50
CA LEU F 181 -10.39 6.63 2.56
C LEU F 181 -9.19 6.24 3.41
N ILE F 182 -9.29 6.49 4.71
CA ILE F 182 -8.24 6.09 5.64
C ILE F 182 -8.56 4.71 6.19
N TYR F 183 -9.71 4.60 6.87
CA TYR F 183 -10.16 3.37 7.48
C TYR F 183 -11.66 3.22 7.33
N TYR F 184 -12.14 1.97 7.31
CA TYR F 184 -13.55 1.68 7.46
C TYR F 184 -13.80 0.43 8.32
N SER F 185 -15.07 0.14 8.61
CA SER F 185 -15.42 -0.85 9.62
C SER F 185 -16.81 -1.45 9.41
N TYR F 186 -16.92 -2.77 9.54
CA TYR F 186 -18.21 -3.46 9.45
C TYR F 186 -18.54 -4.20 10.74
N GLY F 187 -19.38 -3.57 11.57
CA GLY F 187 -19.74 -4.13 12.87
C GLY F 187 -18.70 -3.81 13.93
N ALA F 188 -19.12 -3.88 15.19
CA ALA F 188 -18.27 -3.56 16.33
C ALA F 188 -16.99 -4.40 16.33
N GLY F 189 -15.86 -3.75 16.62
CA GLY F 189 -14.58 -4.44 16.74
C GLY F 189 -13.88 -4.74 15.43
N ASN F 190 -14.55 -4.47 14.32
CA ASN F 190 -13.99 -4.69 13.00
C ASN F 190 -13.24 -3.46 12.51
N LEU F 191 -12.14 -3.71 11.79
CA LEU F 191 -11.32 -2.65 11.24
C LEU F 191 -10.74 -3.10 9.91
N GLN F 192 -11.02 -2.32 8.87
CA GLN F 192 -10.52 -2.60 7.52
C GLN F 192 -9.72 -1.42 6.97
N ILE F 193 -8.64 -1.75 6.27
CA ILE F 193 -7.67 -0.76 5.80
C ILE F 193 -8.18 -0.08 4.54
N GLY F 194 -8.15 1.24 4.53
CA GLY F 194 -8.54 2.05 3.36
C GLY F 194 -7.39 2.27 2.41
N ASP F 195 -7.42 3.38 1.67
CA ASP F 195 -6.37 3.69 0.70
C ASP F 195 -5.14 4.36 1.32
N VAL F 196 -5.34 5.03 2.45
CA VAL F 196 -4.38 5.99 2.96
C VAL F 196 -4.25 5.90 4.51
N PRO F 197 -3.93 4.71 5.04
CA PRO F 197 -3.93 4.52 6.49
C PRO F 197 -2.69 5.05 7.22
N ASP F 198 -1.59 5.26 6.49
CA ASP F 198 -0.32 5.64 7.11
C ASP F 198 -0.46 6.85 8.03
N GLY F 199 0.04 6.71 9.26
CA GLY F 199 0.00 7.78 10.24
C GLY F 199 -1.28 7.82 11.06
N TYR F 200 -2.20 6.89 10.78
CA TYR F 200 -3.47 6.85 11.49
C TYR F 200 -3.74 5.49 12.11
N LYS F 201 -4.60 5.50 13.13
CA LYS F 201 -5.15 4.28 13.71
C LYS F 201 -6.63 4.49 13.93
N ALA F 202 -7.39 3.40 14.02
CA ALA F 202 -8.83 3.49 14.23
C ALA F 202 -9.34 2.34 15.07
N THR F 203 -10.40 2.60 15.84
CA THR F 203 -11.10 1.54 16.55
C THR F 203 -12.61 1.75 16.52
N ARG F 204 -13.32 0.71 16.07
CA ARG F 204 -14.76 0.66 16.19
C ARG F 204 -15.08 0.11 17.57
N THR F 205 -15.47 1.01 18.46
CA THR F 205 -15.66 0.69 19.87
C THR F 205 -17.01 -0.01 20.09
N THR F 206 -18.06 0.55 19.50
CA THR F 206 -19.41 -0.02 19.51
C THR F 206 -19.97 0.10 18.10
N GLN F 207 -21.25 -0.23 17.92
CA GLN F 207 -21.91 -0.07 16.62
C GLN F 207 -21.90 1.40 16.20
N GLU F 208 -22.18 2.28 17.15
CA GLU F 208 -22.33 3.70 16.87
C GLU F 208 -21.05 4.54 16.91
N ASP F 209 -20.02 4.09 17.63
CA ASP F 209 -18.78 4.88 17.78
C ASP F 209 -17.57 4.38 16.95
N PHE F 210 -16.89 5.32 16.29
CA PHE F 210 -15.74 5.00 15.44
C PHE F 210 -14.68 6.10 15.56
N PHE F 211 -13.62 5.80 16.31
CA PHE F 211 -12.57 6.78 16.58
C PHE F 211 -11.44 6.73 15.57
N LEU F 212 -10.85 7.88 15.28
CA LEU F 212 -9.65 8.00 14.45
C LEU F 212 -8.52 8.63 15.27
N THR F 213 -7.42 7.90 15.45
CA THR F 213 -6.29 8.38 16.25
C THR F 213 -5.04 8.70 15.42
N LEU F 214 -4.43 9.86 15.73
CA LEU F 214 -3.13 10.23 15.19
C LEU F 214 -2.08 10.05 16.28
N GLU F 215 -1.25 9.03 16.14
CA GLU F 215 -0.24 8.65 17.14
C GLU F 215 0.67 9.82 17.51
N SER F 216 1.35 10.37 16.50
CA SER F 216 2.20 11.54 16.67
C SER F 216 1.94 12.51 15.52
N ALA F 217 1.02 13.44 15.75
CA ALA F 217 0.55 14.35 14.71
C ALA F 217 1.68 15.10 14.01
N SER F 218 1.57 15.20 12.69
CA SER F 218 2.53 15.94 11.89
C SER F 218 1.81 16.89 10.91
N PRO F 219 2.50 17.96 10.45
CA PRO F 219 1.91 18.95 9.53
C PRO F 219 1.29 18.38 8.25
N SER F 220 1.76 17.22 7.81
CA SER F 220 1.17 16.55 6.64
C SER F 220 -0.28 16.12 6.89
N GLN F 221 -0.70 16.22 8.15
CA GLN F 221 -2.00 15.73 8.58
C GLN F 221 -3.01 16.83 8.90
N THR F 222 -2.65 18.09 8.66
CA THR F 222 -3.62 19.17 8.85
C THR F 222 -4.62 19.09 7.69
N SER F 223 -5.87 18.82 8.03
CA SER F 223 -6.90 18.50 7.03
C SER F 223 -8.30 18.59 7.62
N LEU F 224 -9.30 18.53 6.75
CA LEU F 224 -10.69 18.37 7.13
C LEU F 224 -10.98 16.87 7.10
N TYR F 225 -11.51 16.34 8.20
CA TYR F 225 -11.77 14.89 8.30
C TYR F 225 -13.26 14.60 8.32
N PHE F 226 -13.65 13.55 7.62
CA PHE F 226 -15.06 13.19 7.49
C PHE F 226 -15.34 11.75 7.91
N CYS F 227 -16.26 11.62 8.86
CA CYS F 227 -16.81 10.32 9.23
C CYS F 227 -18.06 10.08 8.40
N ALA F 228 -18.40 8.81 8.17
CA ALA F 228 -19.63 8.45 7.47
C ALA F 228 -20.16 7.10 7.94
N SER F 229 -21.46 6.88 7.76
CA SER F 229 -22.06 5.58 8.05
C SER F 229 -22.82 5.09 6.83
N SER F 230 -22.94 3.77 6.71
CA SER F 230 -23.60 3.20 5.54
C SER F 230 -24.43 1.95 5.85
N ASP F 231 -25.53 1.84 5.12
CA ASP F 231 -26.56 0.83 5.28
C ASP F 231 -26.51 -0.13 4.10
N ALA F 232 -25.93 0.36 3.00
CA ALA F 232 -25.96 -0.29 1.71
C ALA F 232 -24.68 0.04 0.95
N PRO F 233 -24.09 -0.96 0.26
CA PRO F 233 -22.82 -0.81 -0.47
C PRO F 233 -22.69 0.50 -1.26
N GLY F 234 -21.77 1.36 -0.82
CA GLY F 234 -21.45 2.61 -1.52
C GLY F 234 -22.37 3.79 -1.25
N GLN F 235 -23.42 3.56 -0.46
CA GLN F 235 -24.39 4.60 -0.13
C GLN F 235 -24.08 5.12 1.26
N LEU F 236 -23.43 6.27 1.31
CA LEU F 236 -22.82 6.78 2.55
C LEU F 236 -23.48 8.06 3.04
N TYR F 237 -23.60 8.18 4.36
CA TYR F 237 -24.13 9.38 5.00
C TYR F 237 -23.05 9.99 5.89
N PHE F 238 -22.62 11.19 5.51
CA PHE F 238 -21.46 11.84 6.10
C PHE F 238 -21.81 12.74 7.27
N GLY F 239 -20.84 12.95 8.16
CA GLY F 239 -20.95 13.95 9.23
C GLY F 239 -20.56 15.32 8.71
N GLU F 240 -20.55 16.30 9.61
CA GLU F 240 -20.29 17.69 9.22
C GLU F 240 -18.82 18.06 9.12
N GLY F 241 -17.94 17.14 9.53
CA GLY F 241 -16.50 17.33 9.38
C GLY F 241 -15.76 17.76 10.63
N SER F 242 -14.50 17.36 10.73
CA SER F 242 -13.62 17.80 11.79
C SER F 242 -12.38 18.46 11.21
N LYS F 243 -12.26 19.76 11.46
CA LYS F 243 -11.18 20.60 10.96
C LYS F 243 -9.98 20.48 11.90
N LEU F 244 -8.87 19.97 11.38
CA LEU F 244 -7.66 19.78 12.20
C LEU F 244 -6.46 20.53 11.65
N THR F 245 -5.79 21.28 12.53
CA THR F 245 -4.58 22.02 12.16
C THR F 245 -3.43 21.60 13.06
N VAL F 246 -2.34 21.17 12.46
CA VAL F 246 -1.17 20.79 13.21
C VAL F 246 -0.08 21.79 12.94
N LEU F 247 0.43 22.37 14.01
CA LEU F 247 1.36 23.47 13.94
C LEU F 247 2.73 23.04 14.34
N GLU F 248 3.73 23.66 13.72
CA GLU F 248 5.09 23.38 14.08
C GLU F 248 5.37 24.22 15.29
N LEU F 249 5.63 23.56 16.40
CA LEU F 249 5.90 24.27 17.65
C LEU F 249 7.39 24.18 18.00
N GLU F 250 8.09 25.32 17.83
CA GLU F 250 9.56 25.42 17.96
C GLU F 250 10.33 24.26 17.31
N SER G 5 -42.01 17.07 -29.39
CA SER G 5 -42.86 16.59 -30.52
C SER G 5 -42.72 15.08 -30.77
N VAL G 6 -43.82 14.36 -30.64
CA VAL G 6 -43.92 12.96 -31.06
C VAL G 6 -45.25 12.74 -31.77
N THR G 7 -45.21 12.07 -32.92
CA THR G 7 -46.37 11.91 -33.78
C THR G 7 -46.89 10.47 -33.81
N GLN G 8 -48.18 10.32 -33.54
CA GLN G 8 -48.88 9.08 -33.82
C GLN G 8 -49.90 9.37 -34.92
N PRO G 9 -49.85 8.59 -36.03
CA PRO G 9 -50.58 8.97 -37.25
C PRO G 9 -52.10 8.86 -37.14
N ASP G 10 -52.60 7.88 -36.39
CA ASP G 10 -54.03 7.61 -36.32
C ASP G 10 -54.52 7.52 -34.89
N ALA G 11 -55.53 8.32 -34.56
CA ALA G 11 -56.17 8.28 -33.25
C ALA G 11 -57.07 7.06 -33.09
N ARG G 12 -57.62 6.58 -34.22
CA ARG G 12 -58.48 5.41 -34.23
C ARG G 12 -57.91 4.32 -35.13
N VAL G 13 -57.68 3.14 -34.55
CA VAL G 13 -57.16 1.99 -35.29
C VAL G 13 -57.99 0.76 -34.96
N THR G 14 -58.52 0.12 -35.99
CA THR G 14 -59.28 -1.12 -35.85
C THR G 14 -58.55 -2.26 -36.57
N VAL G 15 -58.27 -3.33 -35.83
CA VAL G 15 -57.75 -4.56 -36.43
C VAL G 15 -58.56 -5.78 -35.98
N SER G 16 -58.50 -6.85 -36.76
CA SER G 16 -59.17 -8.10 -36.42
C SER G 16 -58.36 -8.87 -35.38
N GLU G 17 -59.05 -9.71 -34.60
CA GLU G 17 -58.39 -10.57 -33.61
C GLU G 17 -57.53 -11.62 -34.31
N GLY G 18 -56.34 -11.85 -33.79
CA GLY G 18 -55.40 -12.81 -34.37
C GLY G 18 -54.45 -12.19 -35.37
N ALA G 19 -54.81 -11.02 -35.89
CA ALA G 19 -53.99 -10.28 -36.85
C ALA G 19 -52.77 -9.64 -36.16
N SER G 20 -51.78 -9.27 -36.96
CA SER G 20 -50.57 -8.63 -36.42
C SER G 20 -50.74 -7.11 -36.36
N LEU G 21 -50.38 -6.53 -35.23
CA LEU G 21 -50.58 -5.11 -34.97
C LEU G 21 -49.30 -4.30 -35.10
N GLN G 22 -49.40 -3.15 -35.76
CA GLN G 22 -48.33 -2.16 -35.75
C GLN G 22 -48.90 -0.77 -35.53
N LEU G 23 -48.58 -0.21 -34.37
CA LEU G 23 -48.92 1.18 -34.05
C LEU G 23 -47.67 2.02 -34.19
N ARG G 24 -47.71 2.97 -35.10
CA ARG G 24 -46.52 3.71 -35.52
C ARG G 24 -46.29 4.94 -34.66
N CYS G 25 -45.02 5.33 -34.56
CA CYS G 25 -44.60 6.48 -33.77
C CYS G 25 -43.31 7.05 -34.32
N LYS G 26 -43.32 8.34 -34.58
CA LYS G 26 -42.13 9.06 -34.99
C LYS G 26 -41.94 10.26 -34.07
N TYR G 27 -40.70 10.56 -33.75
CA TYR G 27 -40.39 11.72 -32.91
C TYR G 27 -39.52 12.71 -33.70
N SER G 28 -39.64 13.98 -33.36
CA SER G 28 -38.82 15.02 -33.97
C SER G 28 -38.06 15.76 -32.87
N TYR G 29 -36.87 15.26 -32.54
CA TYR G 29 -36.16 15.71 -31.34
C TYR G 29 -34.72 16.20 -31.52
N SER G 30 -34.27 16.97 -30.55
CA SER G 30 -32.94 17.59 -30.53
C SER G 30 -31.80 16.57 -30.62
N ALA G 31 -31.78 15.62 -29.68
CA ALA G 31 -30.75 14.59 -29.63
C ALA G 31 -31.35 13.19 -29.60
N THR G 32 -30.52 12.18 -29.34
CA THR G 32 -30.95 10.79 -29.20
C THR G 32 -31.68 10.62 -27.86
N PRO G 33 -32.99 10.33 -27.90
CA PRO G 33 -33.85 10.39 -26.73
C PRO G 33 -34.20 9.03 -26.13
N TYR G 34 -34.90 9.04 -24.99
CA TYR G 34 -35.40 7.84 -24.36
C TYR G 34 -36.83 7.62 -24.82
N LEU G 35 -37.19 6.36 -25.06
CA LEU G 35 -38.45 6.04 -25.72
C LEU G 35 -39.33 5.11 -24.90
N PHE G 36 -40.64 5.38 -24.93
CA PHE G 36 -41.59 4.68 -24.08
C PHE G 36 -42.89 4.38 -24.80
N TRP G 37 -43.55 3.30 -24.39
CA TRP G 37 -44.95 3.08 -24.74
C TRP G 37 -45.74 2.89 -23.46
N TYR G 38 -46.93 3.50 -23.42
CA TYR G 38 -47.85 3.34 -22.31
C TYR G 38 -49.18 2.78 -22.82
N VAL G 39 -49.87 2.04 -21.95
CA VAL G 39 -51.18 1.49 -22.30
C VAL G 39 -52.20 1.89 -21.25
N GLN G 40 -53.42 2.16 -21.70
CA GLN G 40 -54.49 2.60 -20.80
C GLN G 40 -55.79 1.87 -21.12
N TYR G 41 -56.20 1.00 -20.20
CA TYR G 41 -57.47 0.29 -20.30
C TYR G 41 -58.60 1.16 -19.74
N PRO G 42 -59.86 0.91 -20.16
CA PRO G 42 -60.99 1.74 -19.72
C PRO G 42 -61.05 1.98 -18.21
N ARG G 43 -61.28 3.23 -17.83
CA ARG G 43 -61.43 3.65 -16.42
C ARG G 43 -60.19 3.44 -15.56
N GLN G 44 -59.04 3.29 -16.22
CA GLN G 44 -57.77 3.13 -15.51
C GLN G 44 -56.78 4.20 -15.97
N GLY G 45 -55.69 4.34 -15.22
CA GLY G 45 -54.60 5.23 -15.63
C GLY G 45 -53.69 4.53 -16.62
N PRO G 46 -52.84 5.30 -17.32
CA PRO G 46 -51.84 4.68 -18.19
C PRO G 46 -50.86 3.85 -17.38
N GLN G 47 -50.37 2.75 -17.99
CA GLN G 47 -49.29 1.94 -17.41
C GLN G 47 -48.18 1.84 -18.44
N MET G 48 -46.94 1.80 -17.96
CA MET G 48 -45.81 1.60 -18.86
C MET G 48 -45.84 0.18 -19.44
N LEU G 49 -45.80 0.10 -20.76
CA LEU G 49 -45.75 -1.17 -21.46
C LEU G 49 -44.31 -1.58 -21.73
N LEU G 50 -43.50 -0.64 -22.21
CA LEU G 50 -42.09 -0.89 -22.49
C LEU G 50 -41.25 0.38 -22.61
N LYS G 51 -39.93 0.23 -22.43
CA LYS G 51 -39.00 1.35 -22.45
C LYS G 51 -37.71 1.04 -23.19
N TYR G 52 -37.10 2.06 -23.79
CA TYR G 52 -35.77 1.94 -24.37
C TYR G 52 -34.89 3.11 -23.91
N TYR G 53 -33.71 2.79 -23.38
CA TYR G 53 -32.74 3.81 -23.01
C TYR G 53 -31.54 3.81 -23.95
N SER G 54 -30.80 2.70 -23.97
CA SER G 54 -29.62 2.55 -24.84
C SER G 54 -29.39 1.09 -25.23
N GLY G 55 -28.32 0.83 -25.98
CA GLY G 55 -27.92 -0.53 -26.37
C GLY G 55 -28.85 -1.23 -27.35
N ASP G 56 -29.20 -2.46 -27.02
CA ASP G 56 -30.13 -3.28 -27.81
C ASP G 56 -31.37 -2.48 -28.22
N PRO G 57 -31.60 -2.34 -29.55
CA PRO G 57 -32.70 -1.49 -30.03
C PRO G 57 -34.09 -2.12 -29.93
N VAL G 58 -34.15 -3.44 -29.77
CA VAL G 58 -35.44 -4.13 -29.64
C VAL G 58 -35.73 -4.35 -28.16
N VAL G 59 -36.87 -3.84 -27.72
CA VAL G 59 -37.27 -3.95 -26.31
C VAL G 59 -38.55 -4.76 -26.11
N GLN G 60 -38.56 -5.55 -25.03
CA GLN G 60 -39.64 -6.46 -24.70
C GLN G 60 -40.70 -5.81 -23.81
N GLY G 61 -41.95 -6.17 -24.04
CA GLY G 61 -43.04 -5.86 -23.14
C GLY G 61 -43.75 -7.15 -22.77
N VAL G 62 -44.59 -7.09 -21.74
CA VAL G 62 -45.43 -8.22 -21.36
C VAL G 62 -46.46 -8.48 -22.47
N ASN G 63 -46.90 -9.72 -22.59
CA ASN G 63 -47.97 -10.12 -23.52
C ASN G 63 -47.61 -10.06 -25.00
N GLY G 64 -46.33 -10.24 -25.31
CA GLY G 64 -45.86 -10.32 -26.69
C GLY G 64 -45.79 -9.00 -27.43
N PHE G 65 -45.77 -7.90 -26.70
CA PHE G 65 -45.51 -6.59 -27.30
C PHE G 65 -44.01 -6.37 -27.37
N GLU G 66 -43.56 -5.77 -28.46
CA GLU G 66 -42.20 -5.28 -28.57
C GLU G 66 -42.15 -3.99 -29.39
N ALA G 67 -41.05 -3.25 -29.24
CA ALA G 67 -40.84 -2.05 -30.04
C ALA G 67 -39.37 -1.94 -30.40
N GLU G 68 -39.10 -1.29 -31.53
CA GLU G 68 -37.73 -1.14 -32.01
C GLU G 68 -37.37 0.31 -32.22
N PHE G 69 -36.25 0.72 -31.63
CA PHE G 69 -35.69 2.04 -31.86
C PHE G 69 -34.96 2.08 -33.19
N SER G 70 -35.40 2.96 -34.08
CA SER G 70 -34.72 3.18 -35.34
C SER G 70 -34.14 4.59 -35.39
N LYS G 71 -32.82 4.66 -35.38
CA LYS G 71 -32.09 5.93 -35.41
C LYS G 71 -32.38 6.72 -36.69
N SER G 72 -32.26 6.06 -37.83
CA SER G 72 -32.44 6.71 -39.14
C SER G 72 -33.88 7.15 -39.40
N ASP G 73 -34.84 6.34 -38.93
CA ASP G 73 -36.26 6.65 -39.09
C ASP G 73 -36.75 7.69 -38.09
N SER G 74 -36.01 7.88 -37.00
CA SER G 74 -36.52 8.58 -35.81
C SER G 74 -37.88 7.97 -35.44
N SER G 75 -37.87 6.67 -35.15
CA SER G 75 -39.11 5.94 -34.91
C SER G 75 -39.01 4.90 -33.81
N PHE G 76 -40.17 4.50 -33.31
CA PHE G 76 -40.29 3.56 -32.21
C PHE G 76 -41.68 2.90 -32.32
N HIS G 77 -41.91 2.22 -33.44
CA HIS G 77 -43.22 1.60 -33.69
C HIS G 77 -43.44 0.40 -32.78
N LEU G 78 -44.66 0.28 -32.25
CA LEU G 78 -45.06 -0.84 -31.41
C LEU G 78 -45.65 -1.95 -32.28
N ARG G 79 -45.22 -3.18 -32.01
CA ARG G 79 -45.62 -4.33 -32.80
C ARG G 79 -46.04 -5.51 -31.92
N LYS G 80 -46.97 -6.32 -32.43
CA LYS G 80 -47.37 -7.58 -31.81
C LYS G 80 -47.84 -8.55 -32.89
N ALA G 81 -47.46 -9.82 -32.75
CA ALA G 81 -47.72 -10.84 -33.77
C ALA G 81 -49.19 -11.23 -33.90
N SER G 82 -49.88 -11.37 -32.76
CA SER G 82 -51.27 -11.82 -32.76
C SER G 82 -52.07 -11.18 -31.64
N VAL G 83 -52.80 -10.11 -31.96
CA VAL G 83 -53.60 -9.38 -30.95
C VAL G 83 -54.68 -10.23 -30.30
N HIS G 84 -54.94 -9.97 -29.02
CA HIS G 84 -56.02 -10.62 -28.28
C HIS G 84 -57.20 -9.67 -28.11
N ARG G 85 -58.37 -10.25 -27.83
CA ARG G 85 -59.58 -9.50 -27.50
C ARG G 85 -59.34 -8.45 -26.40
N SER G 86 -58.53 -8.82 -25.41
CA SER G 86 -58.26 -7.96 -24.25
C SER G 86 -57.24 -6.84 -24.51
N ASP G 87 -56.64 -6.83 -25.69
CA ASP G 87 -55.66 -5.79 -26.05
C ASP G 87 -56.33 -4.46 -26.43
N SER G 88 -57.66 -4.40 -26.35
CA SER G 88 -58.39 -3.18 -26.63
C SER G 88 -58.11 -2.14 -25.56
N ALA G 89 -57.44 -1.06 -25.97
CA ALA G 89 -57.03 0.01 -25.08
C ALA G 89 -56.56 1.21 -25.88
N VAL G 90 -56.12 2.25 -25.19
CA VAL G 90 -55.49 3.41 -25.83
C VAL G 90 -53.98 3.27 -25.62
N TYR G 91 -53.23 3.36 -26.72
CA TYR G 91 -51.78 3.20 -26.67
C TYR G 91 -51.07 4.53 -26.91
N PHE G 92 -50.21 4.89 -25.96
CA PHE G 92 -49.49 6.17 -25.99
C PHE G 92 -48.01 5.97 -26.21
N CYS G 93 -47.49 6.65 -27.22
CA CYS G 93 -46.06 6.74 -27.43
C CYS G 93 -45.53 7.94 -26.66
N ALA G 94 -44.29 7.85 -26.16
CA ALA G 94 -43.71 8.95 -25.39
C ALA G 94 -42.19 9.03 -25.51
N VAL G 95 -41.67 10.26 -25.44
CA VAL G 95 -40.21 10.47 -25.43
C VAL G 95 -39.79 11.44 -24.32
N SER G 96 -38.52 11.28 -23.89
CA SER G 96 -37.87 12.24 -23.00
C SER G 96 -36.41 12.38 -23.41
N ALA G 97 -35.79 13.51 -23.10
CA ALA G 97 -34.46 13.84 -23.59
C ALA G 97 -33.37 13.53 -22.57
N LYS G 98 -32.16 13.24 -23.06
CA LYS G 98 -30.97 12.98 -22.22
C LYS G 98 -30.81 13.98 -21.08
N GLY G 99 -31.18 15.23 -21.32
CA GLY G 99 -31.09 16.27 -20.29
C GLY G 99 -32.15 16.14 -19.20
N THR G 100 -33.36 15.77 -19.61
CA THR G 100 -34.50 15.76 -18.69
C THR G 100 -34.86 14.35 -18.22
N GLY G 101 -35.11 13.44 -19.16
CA GLY G 101 -35.40 12.04 -18.86
C GLY G 101 -36.70 11.84 -18.12
N SER G 102 -36.90 12.64 -17.08
CA SER G 102 -38.06 12.55 -16.20
C SER G 102 -39.25 13.38 -16.71
N LYS G 103 -38.99 14.27 -17.65
CA LYS G 103 -40.05 15.05 -18.28
C LYS G 103 -40.47 14.36 -19.58
N LEU G 104 -41.57 13.62 -19.50
CA LEU G 104 -42.11 12.92 -20.67
C LEU G 104 -42.83 13.87 -21.63
N SER G 105 -42.94 13.42 -22.87
CA SER G 105 -43.67 14.15 -23.89
C SER G 105 -44.51 13.12 -24.64
N PHE G 106 -45.83 13.16 -24.43
CA PHE G 106 -46.73 12.12 -24.92
C PHE G 106 -47.26 12.34 -26.32
N GLY G 107 -47.46 11.24 -27.04
CA GLY G 107 -48.18 11.26 -28.32
C GLY G 107 -49.67 11.42 -28.09
N LYS G 108 -50.37 11.79 -29.17
CA LYS G 108 -51.81 12.07 -29.12
C LYS G 108 -52.64 10.86 -28.68
N GLY G 109 -52.04 9.66 -28.75
CA GLY G 109 -52.70 8.44 -28.34
C GLY G 109 -53.44 7.79 -29.48
N ALA G 110 -53.35 6.46 -29.56
CA ALA G 110 -54.08 5.70 -30.57
C ALA G 110 -55.05 4.73 -29.91
N LYS G 111 -56.34 4.95 -30.14
CA LYS G 111 -57.39 4.07 -29.59
C LYS G 111 -57.49 2.81 -30.44
N LEU G 112 -57.08 1.68 -29.86
CA LEU G 112 -57.13 0.40 -30.55
C LEU G 112 -58.36 -0.40 -30.17
N THR G 113 -59.09 -0.83 -31.19
CA THR G 113 -60.24 -1.71 -31.03
C THR G 113 -59.96 -3.00 -31.80
N VAL G 114 -59.88 -4.11 -31.08
CA VAL G 114 -59.75 -5.42 -31.72
C VAL G 114 -61.10 -6.16 -31.73
N SER G 115 -61.38 -6.86 -32.83
CA SER G 115 -62.63 -7.58 -33.00
C SER G 115 -62.44 -9.07 -32.78
N ALA G 138 -53.35 0.78 -6.43
CA ALA G 138 -51.97 0.89 -7.00
C ALA G 138 -51.00 1.54 -6.01
N ALA G 139 -49.75 1.73 -6.46
CA ALA G 139 -48.74 2.44 -5.69
C ALA G 139 -49.16 3.88 -5.38
N VAL G 140 -50.00 4.44 -6.25
CA VAL G 140 -50.49 5.81 -6.12
C VAL G 140 -51.99 5.80 -5.88
N THR G 141 -52.43 6.45 -4.81
CA THR G 141 -53.86 6.60 -4.53
C THR G 141 -54.27 8.07 -4.51
N GLN G 142 -55.19 8.44 -5.40
CA GLN G 142 -55.70 9.80 -5.48
C GLN G 142 -57.17 9.85 -5.16
N SER G 143 -57.59 10.95 -4.55
CA SER G 143 -59.00 11.14 -4.18
C SER G 143 -59.41 12.61 -4.32
N PRO G 144 -60.71 12.85 -4.58
CA PRO G 144 -61.74 11.84 -4.80
C PRO G 144 -61.68 11.28 -6.22
N ARG G 145 -62.34 10.15 -6.44
CA ARG G 145 -62.46 9.59 -7.79
C ARG G 145 -63.42 10.42 -8.64
N ASN G 146 -64.43 11.00 -7.98
CA ASN G 146 -65.42 11.82 -8.66
C ASN G 146 -65.79 13.07 -7.88
N LYS G 147 -65.89 14.20 -8.58
CA LYS G 147 -66.17 15.48 -7.96
C LYS G 147 -66.89 16.41 -8.92
N VAL G 148 -68.06 16.90 -8.50
CA VAL G 148 -68.84 17.88 -9.25
C VAL G 148 -68.91 19.16 -8.46
N THR G 149 -68.73 20.30 -9.14
CA THR G 149 -68.73 21.60 -8.48
C THR G 149 -69.15 22.72 -9.44
N VAL G 150 -69.29 23.93 -8.94
CA VAL G 150 -69.68 25.08 -9.76
C VAL G 150 -68.53 26.08 -9.92
N THR G 151 -68.58 26.86 -11.00
CA THR G 151 -67.59 27.91 -11.27
C THR G 151 -67.38 28.79 -10.04
N GLY G 152 -66.12 28.95 -9.64
CA GLY G 152 -65.77 29.80 -8.51
C GLY G 152 -65.39 29.05 -7.25
N GLU G 153 -65.90 27.84 -7.09
CA GLU G 153 -65.66 27.04 -5.89
C GLU G 153 -64.22 26.54 -5.82
N ASN G 154 -63.73 26.34 -4.59
CA ASN G 154 -62.35 25.90 -4.35
C ASN G 154 -62.26 24.38 -4.31
N VAL G 155 -61.35 23.82 -5.12
CA VAL G 155 -61.21 22.36 -5.27
C VAL G 155 -59.79 21.89 -4.99
N THR G 156 -59.65 20.89 -4.12
CA THR G 156 -58.35 20.28 -3.85
C THR G 156 -58.38 18.78 -4.14
N LEU G 157 -57.50 18.36 -5.06
CA LEU G 157 -57.31 16.95 -5.36
C LEU G 157 -56.07 16.42 -4.62
N SER G 158 -56.23 15.30 -3.94
CA SER G 158 -55.14 14.70 -3.17
C SER G 158 -54.46 13.59 -3.94
N CYS G 159 -53.20 13.32 -3.59
CA CYS G 159 -52.46 12.19 -4.11
C CYS G 159 -51.42 11.73 -3.10
N ARG G 160 -51.52 10.46 -2.68
CA ARG G 160 -50.56 9.89 -1.75
C ARG G 160 -49.94 8.61 -2.32
N GLN G 161 -48.61 8.61 -2.41
CA GLN G 161 -47.87 7.44 -2.88
C GLN G 161 -47.15 6.77 -1.71
N THR G 162 -47.23 5.44 -1.66
CA THR G 162 -46.69 4.68 -0.54
C THR G 162 -45.16 4.57 -0.58
N ASN G 163 -44.59 4.52 -1.77
CA ASN G 163 -43.19 4.13 -1.96
C ASN G 163 -42.13 5.22 -1.77
N SER G 164 -42.57 6.46 -1.52
CA SER G 164 -41.65 7.61 -1.35
C SER G 164 -40.73 7.83 -2.56
N HIS G 165 -41.30 7.75 -3.76
CA HIS G 165 -40.57 8.06 -4.98
C HIS G 165 -40.25 9.55 -5.05
N ASN G 166 -39.15 9.88 -5.72
CA ASN G 166 -38.73 11.27 -5.84
C ASN G 166 -39.70 12.13 -6.65
N TYR G 167 -39.93 11.74 -7.90
CA TYR G 167 -40.79 12.51 -8.79
C TYR G 167 -42.28 12.22 -8.61
N MET G 168 -43.08 13.29 -8.58
CA MET G 168 -44.54 13.18 -8.62
C MET G 168 -45.12 14.15 -9.64
N TYR G 169 -46.24 13.78 -10.26
CA TYR G 169 -46.81 14.54 -11.36
C TYR G 169 -48.31 14.75 -11.23
N TRP G 170 -48.81 15.79 -11.89
CA TRP G 170 -50.24 15.97 -12.08
C TRP G 170 -50.57 16.19 -13.55
N TYR G 171 -51.34 15.27 -14.12
CA TYR G 171 -51.78 15.37 -15.51
C TYR G 171 -53.27 15.62 -15.59
N ARG G 172 -53.70 16.15 -16.72
CA ARG G 172 -55.11 16.12 -17.08
C ARG G 172 -55.27 15.44 -18.43
N GLN G 173 -56.28 14.59 -18.52
CA GLN G 173 -56.63 13.92 -19.76
C GLN G 173 -57.96 14.46 -20.24
N ASP G 174 -57.95 14.96 -21.48
CA ASP G 174 -59.14 15.53 -22.09
C ASP G 174 -59.50 14.75 -23.34
N THR G 175 -60.74 14.93 -23.79
CA THR G 175 -61.26 14.32 -25.01
C THR G 175 -60.22 14.33 -26.14
N GLY G 176 -60.04 13.17 -26.79
CA GLY G 176 -58.97 12.99 -27.78
C GLY G 176 -57.77 12.34 -27.14
N HIS G 177 -57.80 12.24 -25.81
CA HIS G 177 -56.82 11.53 -24.96
C HIS G 177 -55.53 12.27 -24.64
N GLU G 178 -55.30 13.44 -25.25
CA GLU G 178 -54.03 14.14 -25.06
C GLU G 178 -53.71 14.37 -23.57
N LEU G 179 -52.61 13.78 -23.12
CA LEU G 179 -52.18 13.90 -21.72
C LEU G 179 -51.29 15.12 -21.55
N ARG G 180 -51.80 16.10 -20.82
CA ARG G 180 -51.07 17.35 -20.63
C ARG G 180 -50.59 17.50 -19.20
N LEU G 181 -49.31 17.85 -19.05
CA LEU G 181 -48.70 18.02 -17.74
C LEU G 181 -49.09 19.36 -17.13
N ILE G 182 -49.48 19.32 -15.85
CA ILE G 182 -49.85 20.54 -15.12
C ILE G 182 -48.70 20.98 -14.23
N TYR G 183 -48.29 20.11 -13.32
CA TYR G 183 -47.17 20.38 -12.42
C TYR G 183 -46.40 19.10 -12.13
N TYR G 184 -45.11 19.25 -11.84
CA TYR G 184 -44.31 18.15 -11.27
C TYR G 184 -43.38 18.62 -10.14
N SER G 185 -42.60 17.68 -9.59
CA SER G 185 -41.80 17.94 -8.40
C SER G 185 -40.65 16.95 -8.23
N TYR G 186 -39.46 17.47 -7.89
CA TYR G 186 -38.26 16.65 -7.64
C TYR G 186 -38.40 15.82 -6.37
N GLY G 187 -38.90 16.45 -5.33
CA GLY G 187 -39.05 15.84 -4.01
C GLY G 187 -39.79 16.82 -3.11
N ALA G 188 -39.58 16.70 -1.81
CA ALA G 188 -40.24 17.58 -0.84
C ALA G 188 -39.85 19.04 -1.04
N GLY G 189 -40.86 19.89 -1.23
CA GLY G 189 -40.66 21.33 -1.36
C GLY G 189 -40.37 21.86 -2.76
N ASN G 190 -40.25 20.96 -3.73
CA ASN G 190 -40.00 21.36 -5.11
C ASN G 190 -41.28 21.53 -5.92
N LEU G 191 -41.26 22.50 -6.85
CA LEU G 191 -42.41 22.80 -7.68
C LEU G 191 -41.96 23.11 -9.11
N GLN G 192 -42.32 22.22 -10.02
CA GLN G 192 -41.95 22.35 -11.43
C GLN G 192 -43.17 22.71 -12.28
N ILE G 193 -43.01 23.73 -13.12
CA ILE G 193 -44.06 24.19 -14.01
C ILE G 193 -44.20 23.22 -15.18
N GLY G 194 -45.42 22.77 -15.43
CA GLY G 194 -45.70 21.87 -16.56
C GLY G 194 -46.05 22.64 -17.82
N ASP G 195 -46.81 22.00 -18.70
CA ASP G 195 -47.27 22.63 -19.94
C ASP G 195 -48.46 23.57 -19.71
N VAL G 196 -49.42 23.12 -18.88
CA VAL G 196 -50.63 23.90 -18.61
C VAL G 196 -50.82 24.17 -17.10
N PRO G 197 -50.04 25.13 -16.54
CA PRO G 197 -50.21 25.45 -15.12
C PRO G 197 -51.26 26.53 -14.86
N ASP G 198 -51.77 27.14 -15.94
CA ASP G 198 -52.73 28.25 -15.84
C ASP G 198 -54.00 27.87 -15.08
N GLY G 199 -54.28 28.63 -14.03
CA GLY G 199 -55.47 28.40 -13.20
C GLY G 199 -55.26 27.32 -12.15
N TYR G 200 -54.04 26.77 -12.10
CA TYR G 200 -53.72 25.73 -11.14
C TYR G 200 -52.64 26.18 -10.17
N LYS G 201 -52.73 25.66 -8.94
CA LYS G 201 -51.68 25.81 -7.95
C LYS G 201 -51.42 24.42 -7.35
N ALA G 202 -50.15 24.07 -7.21
CA ALA G 202 -49.78 22.77 -6.66
C ALA G 202 -48.81 22.92 -5.50
N THR G 203 -48.96 22.06 -4.50
CA THR G 203 -48.05 22.04 -3.35
C THR G 203 -47.70 20.60 -2.96
N ARG G 204 -46.40 20.36 -2.75
CA ARG G 204 -45.93 19.07 -2.26
C ARG G 204 -45.44 19.20 -0.82
N THR G 205 -46.33 18.89 0.14
CA THR G 205 -46.07 19.19 1.56
C THR G 205 -45.07 18.24 2.24
N THR G 206 -45.11 16.96 1.87
CA THR G 206 -44.11 15.97 2.28
C THR G 206 -43.68 15.44 0.92
N GLN G 207 -43.00 14.32 0.83
CA GLN G 207 -42.66 13.81 -0.51
C GLN G 207 -43.49 12.59 -0.96
N GLU G 208 -44.47 12.22 -0.14
CA GLU G 208 -45.44 11.19 -0.50
C GLU G 208 -46.82 11.80 -0.76
N ASP G 209 -46.94 13.11 -0.55
CA ASP G 209 -48.19 13.82 -0.79
C ASP G 209 -48.03 15.03 -1.72
N PHE G 210 -48.80 15.03 -2.80
CA PHE G 210 -48.72 16.06 -3.84
C PHE G 210 -50.13 16.56 -4.17
N PHE G 211 -50.49 17.73 -3.63
CA PHE G 211 -51.83 18.28 -3.78
C PHE G 211 -51.97 19.16 -5.02
N LEU G 212 -53.11 19.08 -5.67
CA LEU G 212 -53.44 19.98 -6.78
C LEU G 212 -54.67 20.81 -6.39
N THR G 213 -54.46 22.13 -6.28
CA THR G 213 -55.51 23.03 -5.83
C THR G 213 -56.00 23.94 -6.97
N LEU G 214 -57.31 23.99 -7.14
CA LEU G 214 -57.96 24.90 -8.07
C LEU G 214 -58.59 26.05 -7.28
N GLU G 215 -58.06 27.26 -7.50
CA GLU G 215 -58.44 28.44 -6.73
C GLU G 215 -59.90 28.84 -6.98
N SER G 216 -60.18 29.24 -8.21
CA SER G 216 -61.54 29.53 -8.65
C SER G 216 -61.85 28.61 -9.84
N ALA G 217 -62.49 27.49 -9.56
CA ALA G 217 -62.74 26.45 -10.56
C ALA G 217 -63.39 27.00 -11.82
N SER G 218 -62.85 26.60 -12.97
CA SER G 218 -63.36 27.04 -14.27
C SER G 218 -63.93 25.86 -15.06
N PRO G 219 -64.99 26.11 -15.86
CA PRO G 219 -65.54 25.07 -16.73
C PRO G 219 -64.57 24.53 -17.79
N SER G 220 -63.45 25.23 -17.99
CA SER G 220 -62.40 24.73 -18.89
C SER G 220 -61.48 23.76 -18.13
N GLN G 221 -61.67 23.70 -16.82
CA GLN G 221 -60.86 22.84 -15.95
C GLN G 221 -61.62 21.56 -15.57
N THR G 222 -62.70 21.28 -16.30
CA THR G 222 -63.37 19.99 -16.15
C THR G 222 -62.63 18.97 -17.00
N SER G 223 -62.12 17.94 -16.35
CA SER G 223 -61.50 16.81 -17.04
C SER G 223 -61.14 15.69 -16.08
N LEU G 224 -60.45 14.69 -16.61
CA LEU G 224 -59.96 13.56 -15.84
C LEU G 224 -58.52 13.84 -15.43
N TYR G 225 -58.29 13.85 -14.12
CA TYR G 225 -56.98 14.19 -13.56
C TYR G 225 -56.26 12.94 -13.09
N PHE G 226 -55.00 12.82 -13.51
CA PHE G 226 -54.17 11.68 -13.13
C PHE G 226 -52.93 12.14 -12.38
N CYS G 227 -52.68 11.45 -11.26
CA CYS G 227 -51.46 11.63 -10.51
C CYS G 227 -50.50 10.49 -10.83
N ALA G 228 -49.21 10.77 -10.78
CA ALA G 228 -48.19 9.73 -10.98
C ALA G 228 -46.95 9.96 -10.13
N SER G 229 -46.37 8.87 -9.65
CA SER G 229 -45.04 8.89 -9.04
C SER G 229 -44.04 8.32 -10.05
N SER G 230 -42.77 8.71 -9.91
CA SER G 230 -41.73 8.17 -10.78
C SER G 230 -40.52 7.67 -10.01
N ASP G 231 -40.04 6.52 -10.46
CA ASP G 231 -38.96 5.76 -9.84
C ASP G 231 -37.70 5.94 -10.67
N ALA G 232 -37.88 5.85 -11.99
CA ALA G 232 -36.82 5.95 -12.96
C ALA G 232 -37.25 6.94 -14.05
N PRO G 233 -36.29 7.57 -14.75
CA PRO G 233 -36.61 8.59 -15.76
C PRO G 233 -37.59 8.10 -16.82
N GLY G 234 -38.75 8.74 -16.87
CA GLY G 234 -39.80 8.39 -17.83
C GLY G 234 -40.67 7.22 -17.41
N GLN G 235 -40.34 6.59 -16.28
CA GLN G 235 -41.11 5.46 -15.77
C GLN G 235 -42.12 5.92 -14.71
N LEU G 236 -43.37 6.07 -15.14
CA LEU G 236 -44.41 6.62 -14.30
C LEU G 236 -45.46 5.59 -13.93
N TYR G 237 -45.89 5.64 -12.67
CA TYR G 237 -46.95 4.78 -12.16
C TYR G 237 -48.13 5.66 -11.81
N PHE G 238 -49.23 5.50 -12.54
CA PHE G 238 -50.38 6.39 -12.43
C PHE G 238 -51.44 5.92 -11.43
N GLY G 239 -52.17 6.88 -10.87
CA GLY G 239 -53.32 6.58 -10.02
C GLY G 239 -54.52 6.18 -10.85
N GLU G 240 -55.64 5.92 -10.18
CA GLU G 240 -56.84 5.46 -10.86
C GLU G 240 -57.64 6.60 -11.49
N GLY G 241 -57.31 7.84 -11.12
CA GLY G 241 -57.91 9.01 -11.73
C GLY G 241 -58.95 9.74 -10.89
N SER G 242 -59.04 11.06 -11.09
CA SER G 242 -60.06 11.89 -10.48
C SER G 242 -60.82 12.65 -11.57
N LYS G 243 -62.10 12.33 -11.72
CA LYS G 243 -62.97 13.00 -12.70
C LYS G 243 -63.63 14.22 -12.09
N LEU G 244 -63.20 15.40 -12.54
CA LEU G 244 -63.74 16.67 -12.05
C LEU G 244 -64.65 17.34 -13.09
N THR G 245 -65.87 17.67 -12.67
CA THR G 245 -66.79 18.45 -13.51
C THR G 245 -67.07 19.81 -12.86
N VAL G 246 -66.80 20.88 -13.60
CA VAL G 246 -67.07 22.24 -13.13
C VAL G 246 -68.20 22.82 -13.96
N LEU G 247 -69.38 22.90 -13.34
CA LEU G 247 -70.59 23.39 -14.01
C LEU G 247 -70.53 24.87 -14.32
N GLU G 248 -70.81 25.20 -15.58
CA GLU G 248 -70.98 26.58 -16.01
C GLU G 248 -72.42 26.87 -15.59
N LEU G 249 -72.69 28.11 -15.21
CA LEU G 249 -74.07 28.58 -14.95
C LEU G 249 -74.82 29.00 -16.23
N GLU G 250 -75.00 28.01 -17.10
CA GLU G 250 -75.91 28.04 -18.24
C GLU G 250 -77.08 27.15 -17.86
N HIS G 251 -77.06 26.67 -16.62
CA HIS G 251 -78.15 25.92 -16.04
C HIS G 251 -79.18 26.86 -15.45
N HIS G 252 -78.89 28.16 -15.54
CA HIS G 252 -79.74 29.20 -15.00
C HIS G 252 -79.58 30.47 -15.83
N HIS G 253 -80.61 30.80 -16.59
CA HIS G 253 -80.65 32.04 -17.36
C HIS G 253 -81.19 33.17 -16.49
N HIS G 254 -80.41 34.25 -16.40
CA HIS G 254 -80.67 35.38 -15.50
C HIS G 254 -82.05 36.02 -15.64
N SER H 5 40.77 -6.28 34.49
CA SER H 5 41.88 -7.13 35.02
C SER H 5 41.98 -8.46 34.28
N VAL H 6 43.18 -8.75 33.76
CA VAL H 6 43.49 -10.07 33.19
C VAL H 6 44.83 -10.55 33.73
N THR H 7 44.98 -11.86 33.90
CA THR H 7 46.19 -12.42 34.51
C THR H 7 46.86 -13.47 33.62
N GLN H 8 48.14 -13.24 33.35
CA GLN H 8 49.02 -14.27 32.78
C GLN H 8 50.00 -14.69 33.88
N PRO H 9 50.16 -16.01 34.10
CA PRO H 9 50.87 -16.50 35.28
C PRO H 9 52.38 -16.24 35.27
N ASP H 10 53.02 -16.41 34.11
CA ASP H 10 54.48 -16.35 34.00
C ASP H 10 54.93 -15.35 32.95
N ALA H 11 55.89 -14.50 33.32
CA ALA H 11 56.46 -13.54 32.38
C ALA H 11 57.53 -14.19 31.50
N ARG H 12 58.09 -15.30 31.99
CA ARG H 12 59.11 -16.06 31.27
C ARG H 12 58.74 -17.53 31.18
N VAL H 13 58.63 -18.05 29.95
CA VAL H 13 58.37 -19.47 29.71
C VAL H 13 59.36 -20.02 28.68
N THR H 14 59.90 -21.21 28.98
CA THR H 14 60.81 -21.89 28.07
C THR H 14 60.32 -23.31 27.81
N VAL H 15 60.13 -23.64 26.54
CA VAL H 15 59.78 -25.01 26.12
C VAL H 15 60.67 -25.48 24.98
N SER H 16 60.81 -26.80 24.84
CA SER H 16 61.60 -27.38 23.77
C SER H 16 60.84 -27.34 22.45
N GLU H 17 61.58 -27.36 21.34
CA GLU H 17 60.98 -27.41 20.00
C GLU H 17 60.30 -28.76 19.77
N GLY H 18 59.07 -28.71 19.27
CA GLY H 18 58.30 -29.92 19.02
C GLY H 18 57.30 -30.23 20.12
N ALA H 19 57.53 -29.66 21.30
CA ALA H 19 56.62 -29.84 22.44
C ALA H 19 55.32 -29.08 22.24
N SER H 20 54.29 -29.45 22.99
CA SER H 20 53.03 -28.72 22.96
C SER H 20 53.05 -27.55 23.94
N LEU H 21 52.45 -26.44 23.53
CA LEU H 21 52.47 -25.21 24.28
C LEU H 21 51.09 -24.85 24.83
N GLN H 22 51.08 -24.32 26.05
CA GLN H 22 49.91 -23.67 26.61
C GLN H 22 50.36 -22.44 27.39
N LEU H 23 49.89 -21.28 26.95
CA LEU H 23 50.13 -20.04 27.66
C LEU H 23 48.80 -19.60 28.26
N ARG H 24 48.73 -19.67 29.59
CA ARG H 24 47.47 -19.51 30.29
C ARG H 24 47.07 -18.05 30.41
N CYS H 25 45.76 -17.81 30.43
CA CYS H 25 45.22 -16.47 30.60
C CYS H 25 43.84 -16.53 31.25
N LYS H 26 43.70 -15.83 32.37
CA LYS H 26 42.42 -15.69 33.03
C LYS H 26 42.02 -14.23 33.05
N TYR H 27 40.72 -13.97 33.20
CA TYR H 27 40.21 -12.61 33.36
C TYR H 27 39.25 -12.52 34.55
N SER H 28 39.26 -11.37 35.21
CA SER H 28 38.32 -11.10 36.29
C SER H 28 37.45 -9.92 35.88
N TYR H 29 36.40 -10.22 35.12
CA TYR H 29 35.58 -9.18 34.50
C TYR H 29 34.10 -9.18 34.90
N SER H 30 33.50 -8.00 34.80
CA SER H 30 32.11 -7.75 35.21
C SER H 30 31.09 -8.56 34.40
N ALA H 31 31.33 -8.68 33.09
CA ALA H 31 30.45 -9.45 32.20
C ALA H 31 31.23 -10.40 31.29
N THR H 32 30.53 -10.96 30.29
CA THR H 32 31.15 -11.81 29.28
C THR H 32 31.81 -10.93 28.21
N PRO H 33 33.15 -10.99 28.11
CA PRO H 33 33.93 -10.06 27.30
C PRO H 33 34.35 -10.58 25.92
N TYR H 34 35.09 -9.74 25.20
CA TYR H 34 35.74 -10.14 23.95
C TYR H 34 37.19 -10.43 24.26
N LEU H 35 37.69 -11.56 23.76
CA LEU H 35 39.02 -12.04 24.13
C LEU H 35 39.96 -12.06 22.94
N PHE H 36 41.22 -11.74 23.19
CA PHE H 36 42.22 -11.60 22.12
C PHE H 36 43.58 -12.18 22.52
N TRP H 37 44.31 -12.67 21.53
CA TRP H 37 45.73 -12.98 21.70
C TRP H 37 46.56 -12.21 20.68
N TYR H 38 47.66 -11.62 21.17
CA TYR H 38 48.59 -10.87 20.35
C TYR H 38 49.99 -11.49 20.40
N VAL H 39 50.73 -11.34 19.30
CA VAL H 39 52.08 -11.89 19.18
C VAL H 39 53.07 -10.79 18.78
N GLN H 40 54.17 -10.69 19.53
CA GLN H 40 55.20 -9.70 19.24
C GLN H 40 56.57 -10.36 19.04
N TYR H 41 56.98 -10.44 17.78
CA TYR H 41 58.32 -10.93 17.41
C TYR H 41 59.35 -9.81 17.65
N PRO H 42 60.62 -10.19 17.92
CA PRO H 42 61.68 -9.21 18.22
C PRO H 42 61.72 -8.01 17.26
N ARG H 43 61.79 -6.82 17.83
CA ARG H 43 61.93 -5.55 17.09
C ARG H 43 60.72 -5.17 16.22
N GLN H 44 59.60 -5.85 16.43
CA GLN H 44 58.37 -5.54 15.71
C GLN H 44 57.27 -5.10 16.68
N GLY H 45 56.19 -4.55 16.14
CA GLY H 45 55.00 -4.22 16.93
C GLY H 45 54.11 -5.44 17.06
N PRO H 46 53.26 -5.48 18.11
CA PRO H 46 52.34 -6.59 18.29
C PRO H 46 51.45 -6.82 17.06
N GLN H 47 51.13 -8.08 16.81
CA GLN H 47 50.19 -8.48 15.76
C GLN H 47 49.05 -9.27 16.39
N MET H 48 47.84 -9.10 15.88
CA MET H 48 46.72 -9.92 16.31
C MET H 48 46.93 -11.37 15.86
N LEU H 49 46.87 -12.29 16.81
CA LEU H 49 47.00 -13.72 16.53
C LEU H 49 45.62 -14.32 16.29
N LEU H 50 44.72 -14.14 17.25
CA LEU H 50 43.34 -14.63 17.17
C LEU H 50 42.39 -13.87 18.10
N LYS H 51 41.10 -13.90 17.78
CA LYS H 51 40.07 -13.18 18.55
C LYS H 51 38.80 -14.00 18.78
N TYR H 52 38.09 -13.69 19.87
CA TYR H 52 36.78 -14.28 20.15
C TYR H 52 35.74 -13.19 20.41
N TYR H 53 34.59 -13.28 19.73
CA TYR H 53 33.48 -12.37 20.00
C TYR H 53 32.27 -13.09 20.58
N SER H 54 31.79 -14.12 19.88
CA SER H 54 30.63 -14.90 20.32
C SER H 54 30.56 -16.23 19.57
N GLY H 55 29.58 -17.06 19.92
CA GLY H 55 29.37 -18.35 19.26
C GLY H 55 30.44 -19.37 19.60
N ASP H 56 30.99 -20.00 18.56
CA ASP H 56 31.98 -21.06 18.71
C ASP H 56 33.09 -20.65 19.69
N PRO H 57 33.25 -21.41 20.78
CA PRO H 57 34.26 -21.09 21.81
C PRO H 57 35.71 -21.34 21.39
N VAL H 58 35.94 -22.25 20.45
CA VAL H 58 37.29 -22.56 19.97
C VAL H 58 37.61 -21.71 18.74
N VAL H 59 38.56 -20.79 18.88
CA VAL H 59 38.91 -19.88 17.78
C VAL H 59 40.31 -20.17 17.23
N GLN H 60 40.43 -20.07 15.91
CA GLN H 60 41.64 -20.46 15.19
C GLN H 60 42.55 -19.27 14.92
N GLY H 61 43.86 -19.53 14.94
CA GLY H 61 44.86 -18.56 14.52
C GLY H 61 45.66 -19.14 13.38
N VAL H 62 46.63 -18.37 12.89
CA VAL H 62 47.54 -18.83 11.85
C VAL H 62 48.61 -19.72 12.48
N ASN H 63 49.11 -20.68 11.72
CA ASN H 63 50.22 -21.55 12.14
C ASN H 63 49.91 -22.47 13.34
N GLY H 64 48.73 -23.10 13.32
CA GLY H 64 48.37 -24.12 14.30
C GLY H 64 48.01 -23.64 15.71
N PHE H 65 47.84 -22.32 15.87
CA PHE H 65 47.44 -21.73 17.15
C PHE H 65 45.93 -21.78 17.34
N GLU H 66 45.50 -22.07 18.57
CA GLU H 66 44.09 -21.97 18.93
C GLU H 66 43.88 -21.62 20.41
N ALA H 67 42.75 -21.00 20.70
CA ALA H 67 42.36 -20.68 22.09
C ALA H 67 40.90 -21.02 22.32
N GLU H 68 40.57 -21.39 23.55
CA GLU H 68 39.21 -21.72 23.92
C GLU H 68 38.69 -20.83 25.04
N PHE H 69 37.58 -20.15 24.76
CA PHE H 69 36.90 -19.36 25.77
C PHE H 69 36.11 -20.30 26.68
N SER H 70 36.28 -20.14 27.99
CA SER H 70 35.54 -20.92 28.96
C SER H 70 34.84 -20.00 29.94
N LYS H 71 33.52 -19.92 29.83
CA LYS H 71 32.68 -19.09 30.69
C LYS H 71 32.88 -19.42 32.17
N SER H 72 32.88 -20.70 32.50
CA SER H 72 33.02 -21.16 33.89
C SER H 72 34.43 -20.92 34.46
N ASP H 73 35.45 -21.11 33.62
CA ASP H 73 36.85 -20.90 34.03
C ASP H 73 37.26 -19.43 34.06
N SER H 74 36.52 -18.59 33.33
CA SER H 74 36.94 -17.22 33.06
C SER H 74 38.34 -17.20 32.44
N SER H 75 38.53 -18.03 31.40
CA SER H 75 39.84 -18.23 30.81
C SER H 75 39.83 -18.22 29.29
N PHE H 76 41.01 -18.05 28.70
CA PHE H 76 41.18 -18.01 27.24
C PHE H 76 42.58 -18.50 26.89
N HIS H 77 42.94 -19.69 27.40
CA HIS H 77 44.31 -20.19 27.26
C HIS H 77 44.68 -20.44 25.79
N LEU H 78 45.88 -20.03 25.42
CA LEU H 78 46.42 -20.22 24.06
C LEU H 78 47.16 -21.54 23.96
N ARG H 79 46.99 -22.24 22.83
CA ARG H 79 47.55 -23.57 22.65
C ARG H 79 48.14 -23.81 21.27
N LYS H 80 49.20 -24.62 21.21
CA LYS H 80 49.75 -25.14 19.96
C LYS H 80 50.34 -26.53 20.16
N ALA H 81 49.98 -27.46 19.28
CA ALA H 81 50.37 -28.86 19.39
C ALA H 81 51.87 -29.10 19.27
N SER H 82 52.52 -28.37 18.36
CA SER H 82 53.95 -28.56 18.12
C SER H 82 54.63 -27.25 17.71
N VAL H 83 55.27 -26.60 18.70
CA VAL H 83 55.93 -25.29 18.47
C VAL H 83 57.14 -25.37 17.56
N HIS H 84 57.35 -24.30 16.79
CA HIS H 84 58.49 -24.19 15.89
C HIS H 84 59.54 -23.21 16.43
N ARG H 85 60.75 -23.31 15.89
CA ARG H 85 61.84 -22.38 16.20
C ARG H 85 61.40 -20.91 16.11
N SER H 86 60.59 -20.60 15.10
CA SER H 86 60.18 -19.23 14.80
C SER H 86 59.04 -18.69 15.69
N ASP H 87 58.53 -19.53 16.59
CA ASP H 87 57.45 -19.12 17.48
C ASP H 87 57.94 -18.41 18.74
N SER H 88 59.26 -18.25 18.85
CA SER H 88 59.87 -17.47 19.94
C SER H 88 59.48 -16.01 19.80
N ALA H 89 58.72 -15.52 20.78
CA ALA H 89 58.17 -14.16 20.76
C ALA H 89 57.55 -13.82 22.12
N VAL H 90 56.93 -12.65 22.21
CA VAL H 90 56.14 -12.29 23.38
C VAL H 90 54.65 -12.44 23.04
N TYR H 91 53.91 -13.11 23.91
CA TYR H 91 52.49 -13.38 23.69
C TYR H 91 51.63 -12.64 24.71
N PHE H 92 50.73 -11.83 24.19
CA PHE H 92 49.87 -10.99 25.02
C PHE H 92 48.42 -11.42 24.96
N CYS H 93 47.81 -11.54 26.14
CA CYS H 93 46.39 -11.82 26.26
C CYS H 93 45.66 -10.50 26.51
N ALA H 94 44.52 -10.31 25.84
CA ALA H 94 43.77 -9.07 25.94
C ALA H 94 42.26 -9.29 26.02
N VAL H 95 41.58 -8.41 26.75
CA VAL H 95 40.11 -8.40 26.79
C VAL H 95 39.52 -6.99 26.65
N SER H 96 38.25 -6.95 26.24
CA SER H 96 37.46 -5.73 26.23
C SER H 96 36.01 -6.10 26.48
N ALA H 97 35.23 -5.16 27.01
CA ALA H 97 33.84 -5.43 27.40
C ALA H 97 32.85 -5.05 26.30
N LYS H 98 31.66 -5.66 26.38
CA LYS H 98 30.57 -5.39 25.45
C LYS H 98 30.34 -3.89 25.20
N GLY H 99 30.43 -3.10 26.27
CA GLY H 99 30.17 -1.66 26.18
C GLY H 99 31.27 -0.89 25.49
N THR H 100 32.52 -1.29 25.73
CA THR H 100 33.68 -0.57 25.24
C THR H 100 34.25 -1.18 23.97
N GLY H 101 34.61 -2.47 24.04
CA GLY H 101 35.05 -3.23 22.87
C GLY H 101 36.37 -2.81 22.25
N SER H 102 36.50 -1.51 21.99
CA SER H 102 37.68 -0.95 21.34
C SER H 102 38.73 -0.50 22.35
N LYS H 103 38.40 -0.59 23.65
CA LYS H 103 39.35 -0.29 24.72
C LYS H 103 39.93 -1.59 25.28
N LEU H 104 41.12 -1.94 24.80
CA LEU H 104 41.79 -3.18 25.22
C LEU H 104 42.40 -3.08 26.61
N SER H 105 42.42 -4.20 27.31
CA SER H 105 43.08 -4.31 28.60
C SER H 105 44.06 -5.48 28.54
N PHE H 106 45.34 -5.16 28.31
CA PHE H 106 46.37 -6.16 28.10
C PHE H 106 46.81 -6.85 29.39
N GLY H 107 47.40 -8.03 29.24
CA GLY H 107 48.00 -8.76 30.35
C GLY H 107 49.50 -8.56 30.43
N LYS H 108 50.08 -9.01 31.54
CA LYS H 108 51.52 -8.87 31.81
C LYS H 108 52.37 -9.19 30.58
N GLY H 109 52.01 -10.26 29.87
CA GLY H 109 52.75 -10.72 28.70
C GLY H 109 53.71 -11.84 29.07
N ALA H 110 53.74 -12.88 28.24
CA ALA H 110 54.63 -14.02 28.45
C ALA H 110 55.67 -14.14 27.34
N LYS H 111 56.93 -14.00 27.71
CA LYS H 111 58.03 -14.12 26.75
C LYS H 111 58.40 -15.59 26.54
N LEU H 112 58.07 -16.10 25.36
CA LEU H 112 58.35 -17.49 25.03
C LEU H 112 59.70 -17.68 24.35
N THR H 113 60.51 -18.55 24.94
CA THR H 113 61.73 -19.02 24.31
C THR H 113 61.52 -20.49 23.93
N VAL H 114 61.77 -20.81 22.66
CA VAL H 114 61.80 -22.20 22.21
C VAL H 114 63.23 -22.63 21.85
N SER H 115 63.52 -23.90 22.08
CA SER H 115 64.84 -24.46 21.81
C SER H 115 64.77 -25.47 20.67
N ALA H 139 50.95 0.74 6.73
CA ALA H 139 50.46 0.54 8.08
C ALA H 139 50.76 1.75 8.93
N VAL H 140 51.15 1.50 10.17
CA VAL H 140 51.46 2.59 11.09
C VAL H 140 52.97 2.86 11.14
N THR H 141 53.34 4.12 10.95
CA THR H 141 54.74 4.55 10.97
C THR H 141 54.97 5.70 11.95
N GLN H 142 55.69 5.40 13.03
CA GLN H 142 55.98 6.38 14.09
C GLN H 142 57.43 6.88 14.03
N SER H 143 57.58 8.20 13.92
CA SER H 143 58.91 8.84 13.83
C SER H 143 59.59 8.96 15.22
N ASN H 146 64.31 6.71 18.02
CA ASN H 146 65.15 6.93 19.20
C ASN H 146 65.22 8.40 19.57
N LYS H 147 65.12 8.69 20.87
CA LYS H 147 65.20 10.04 21.39
C LYS H 147 65.83 10.09 22.78
N VAL H 148 66.81 10.98 22.95
CA VAL H 148 67.47 11.21 24.24
C VAL H 148 67.42 12.69 24.57
N THR H 149 66.88 13.01 25.75
CA THR H 149 66.79 14.38 26.24
C THR H 149 66.85 14.47 27.77
N VAL H 150 66.90 15.70 28.30
CA VAL H 150 66.97 15.92 29.75
C VAL H 150 65.61 16.24 30.37
N THR H 151 65.56 16.29 31.70
CA THR H 151 64.34 16.56 32.46
C THR H 151 63.88 18.01 32.29
N GLY H 152 62.69 18.18 31.72
CA GLY H 152 62.10 19.51 31.51
C GLY H 152 61.90 19.89 30.06
N GLU H 153 62.50 19.13 29.15
CA GLU H 153 62.46 19.42 27.72
C GLU H 153 61.16 18.95 27.07
N ASN H 154 60.64 19.75 26.15
CA ASN H 154 59.42 19.41 25.42
C ASN H 154 59.68 18.29 24.42
N VAL H 155 58.80 17.29 24.43
CA VAL H 155 58.94 16.12 23.58
C VAL H 155 57.63 15.85 22.82
N THR H 156 57.74 15.66 21.51
CA THR H 156 56.59 15.33 20.67
C THR H 156 56.88 14.15 19.74
N LEU H 157 56.19 13.04 19.97
CA LEU H 157 56.27 11.86 19.11
C LEU H 157 55.13 11.86 18.10
N SER H 158 55.44 11.50 16.86
CA SER H 158 54.46 11.53 15.77
C SER H 158 54.03 10.13 15.35
N CYS H 159 52.82 10.04 14.80
CA CYS H 159 52.30 8.79 14.24
C CYS H 159 51.39 9.08 13.05
N ARG H 160 51.64 8.39 11.94
CA ARG H 160 50.81 8.51 10.74
C ARG H 160 50.34 7.14 10.25
N GLN H 161 49.10 7.09 9.78
CA GLN H 161 48.52 5.84 9.26
C GLN H 161 47.91 6.02 7.86
N THR H 162 48.30 5.15 6.94
CA THR H 162 47.92 5.25 5.53
C THR H 162 46.47 4.85 5.29
N ASN H 163 45.99 3.86 6.04
CA ASN H 163 44.67 3.25 5.81
C ASN H 163 43.47 4.12 6.15
N SER H 164 43.67 5.13 7.00
CA SER H 164 42.59 5.97 7.50
C SER H 164 41.52 5.15 8.23
N HIS H 165 41.95 4.39 9.23
CA HIS H 165 41.03 3.71 10.15
C HIS H 165 40.43 4.75 11.09
N ASN H 166 39.41 4.35 11.85
CA ASN H 166 38.79 5.26 12.80
C ASN H 166 39.62 5.48 14.06
N TYR H 167 39.91 4.39 14.77
CA TYR H 167 40.60 4.47 16.06
C TYR H 167 42.12 4.57 15.94
N MET H 168 42.73 5.32 16.87
CA MET H 168 44.19 5.41 17.00
C MET H 168 44.60 5.42 18.47
N TYR H 169 45.72 4.75 18.79
CA TYR H 169 46.14 4.52 20.18
C TYR H 169 47.59 4.93 20.47
N TRP H 170 47.86 5.25 21.74
CA TRP H 170 49.23 5.45 22.22
C TRP H 170 49.51 4.64 23.48
N TYR H 171 50.38 3.64 23.34
CA TYR H 171 50.76 2.76 24.44
C TYR H 171 52.20 2.98 24.86
N ARG H 172 52.49 2.73 26.14
CA ARG H 172 53.87 2.67 26.63
C ARG H 172 54.19 1.29 27.23
N GLN H 173 55.24 0.66 26.72
CA GLN H 173 55.68 -0.66 27.20
C GLN H 173 56.98 -0.54 27.99
N ASP H 174 56.86 -0.66 29.31
CA ASP H 174 58.01 -0.62 30.21
C ASP H 174 58.57 -2.03 30.43
N THR H 175 59.78 -2.10 30.98
CA THR H 175 60.42 -3.37 31.33
C THR H 175 59.47 -4.22 32.18
N GLY H 176 59.29 -5.48 31.79
CA GLY H 176 58.26 -6.34 32.36
C GLY H 176 57.14 -6.55 31.37
N HIS H 177 57.17 -5.79 30.28
CA HIS H 177 56.31 -5.94 29.09
C HIS H 177 54.88 -5.44 29.17
N GLU H 178 54.44 -4.99 30.34
CA GLU H 178 53.07 -4.48 30.50
C GLU H 178 52.77 -3.28 29.60
N LEU H 179 51.91 -3.51 28.60
CA LEU H 179 51.48 -2.45 27.69
C LEU H 179 50.37 -1.62 28.34
N ARG H 180 50.71 -0.40 28.76
CA ARG H 180 49.75 0.51 29.37
C ARG H 180 49.30 1.57 28.38
N LEU H 181 48.01 1.89 28.42
CA LEU H 181 47.40 2.85 27.51
C LEU H 181 47.50 4.27 28.07
N ILE H 182 47.80 5.22 27.18
CA ILE H 182 47.89 6.64 27.56
C ILE H 182 46.75 7.47 26.97
N TYR H 183 46.64 7.49 25.64
CA TYR H 183 45.58 8.22 24.95
C TYR H 183 45.09 7.48 23.70
N TYR H 184 43.79 7.53 23.44
CA TYR H 184 43.21 7.02 22.19
C TYR H 184 42.17 7.95 21.57
N SER H 185 41.64 7.59 20.41
CA SER H 185 40.73 8.46 19.66
C SER H 185 39.74 7.72 18.76
N TYR H 186 38.52 8.26 18.67
CA TYR H 186 37.47 7.74 17.78
C TYR H 186 37.74 8.11 16.32
N GLY H 187 38.17 9.35 16.12
CA GLY H 187 38.41 9.91 14.80
C GLY H 187 38.91 11.34 14.95
N ALA H 188 38.90 12.08 13.85
CA ALA H 188 39.39 13.45 13.83
C ALA H 188 38.75 14.31 14.91
N GLY H 189 39.57 14.92 15.75
CA GLY H 189 39.11 15.85 16.78
C GLY H 189 38.82 15.24 18.15
N ASN H 190 38.83 13.91 18.23
CA ASN H 190 38.52 13.22 19.48
C ASN H 190 39.75 12.94 20.34
N LEU H 191 39.55 12.93 21.66
CA LEU H 191 40.59 12.58 22.60
C LEU H 191 40.01 11.78 23.76
N GLN H 192 40.56 10.58 23.96
CA GLN H 192 40.11 9.69 25.03
C GLN H 192 41.26 9.45 26.02
N ILE H 193 40.92 9.50 27.30
CA ILE H 193 41.88 9.28 28.39
C ILE H 193 42.14 7.78 28.57
N GLY H 194 43.43 7.40 28.64
CA GLY H 194 43.83 6.00 28.85
C GLY H 194 44.03 5.66 30.31
N ASP H 195 44.88 4.68 30.57
CA ASP H 195 45.17 4.22 31.93
C ASP H 195 46.07 5.19 32.71
N VAL H 196 47.19 5.58 32.10
CA VAL H 196 48.13 6.53 32.71
C VAL H 196 48.31 7.77 31.82
N PRO H 197 47.45 8.79 32.00
CA PRO H 197 47.50 10.03 31.22
C PRO H 197 48.30 11.15 31.89
N ASP H 198 48.80 10.89 33.09
CA ASP H 198 49.50 11.91 33.89
C ASP H 198 50.87 12.26 33.31
N GLY H 199 51.03 13.54 32.97
CA GLY H 199 52.27 14.04 32.36
C GLY H 199 52.28 13.97 30.84
N TYR H 200 51.14 13.62 30.26
CA TYR H 200 51.01 13.49 28.81
C TYR H 200 49.92 14.39 28.25
N LYS H 201 50.10 14.81 27.00
CA LYS H 201 49.09 15.56 26.26
C LYS H 201 49.10 15.11 24.79
N ALA H 202 47.98 14.57 24.33
CA ALA H 202 47.87 14.11 22.95
C ALA H 202 46.84 14.91 22.16
N THR H 203 47.10 15.07 20.87
CA THR H 203 46.17 15.73 19.94
C THR H 203 46.08 14.96 18.63
N ARG H 204 44.87 14.82 18.09
CA ARG H 204 44.66 14.20 16.78
C ARG H 204 44.13 15.22 15.77
N THR H 205 45.04 15.76 14.96
CA THR H 205 44.74 16.95 14.11
C THR H 205 43.90 16.71 12.84
N THR H 206 44.00 15.51 12.26
CA THR H 206 43.14 15.06 11.17
C THR H 206 42.96 13.61 11.60
N GLN H 207 42.47 12.72 10.74
CA GLN H 207 42.27 11.34 11.20
C GLN H 207 43.36 10.33 10.80
N GLU H 208 44.44 10.82 10.19
CA GLU H 208 45.60 9.98 9.88
C GLU H 208 46.81 10.31 10.76
N ASP H 209 46.74 11.43 11.47
CA ASP H 209 47.84 11.86 12.34
C ASP H 209 47.41 11.92 13.80
N PHE H 210 48.22 11.32 14.67
CA PHE H 210 47.93 11.25 16.11
C PHE H 210 49.22 11.47 16.91
N PHE H 211 49.39 12.71 17.39
CA PHE H 211 50.61 13.14 18.07
C PHE H 211 50.53 12.97 19.59
N LEU H 212 51.59 12.43 20.18
CA LEU H 212 51.76 12.39 21.63
C LEU H 212 52.78 13.46 22.04
N THR H 213 52.48 14.18 23.13
CA THR H 213 53.35 15.24 23.61
C THR H 213 53.56 15.20 25.12
N LEU H 214 54.81 15.36 25.54
CA LEU H 214 55.19 15.46 26.95
C LEU H 214 55.63 16.90 27.22
N GLU H 215 54.90 17.57 28.11
CA GLU H 215 55.11 19.00 28.40
C GLU H 215 56.49 19.23 29.05
N SER H 216 56.69 18.61 30.22
CA SER H 216 57.95 18.66 30.92
C SER H 216 58.44 17.23 31.14
N ALA H 217 59.36 16.77 30.29
CA ALA H 217 59.84 15.39 30.29
C ALA H 217 60.35 14.94 31.66
N SER H 218 59.93 13.76 32.07
CA SER H 218 60.23 13.23 33.40
C SER H 218 61.00 11.91 33.32
N PRO H 219 61.92 11.67 34.28
CA PRO H 219 62.70 10.41 34.30
C PRO H 219 61.85 9.15 34.56
N SER H 220 60.57 9.34 34.88
CA SER H 220 59.63 8.21 35.04
C SER H 220 58.87 7.94 33.76
N GLN H 221 59.07 8.80 32.75
CA GLN H 221 58.41 8.66 31.46
C GLN H 221 59.36 8.10 30.39
N THR H 222 60.41 7.43 30.83
CA THR H 222 61.34 6.76 29.92
C THR H 222 60.85 5.34 29.66
N SER H 223 60.42 5.07 28.43
CA SER H 223 59.87 3.77 28.05
C SER H 223 59.86 3.54 26.54
N LEU H 224 59.27 2.42 26.13
CA LEU H 224 59.12 2.08 24.71
C LEU H 224 57.68 2.34 24.26
N TYR H 225 57.50 3.41 23.49
CA TYR H 225 56.17 3.88 23.09
C TYR H 225 55.69 3.24 21.78
N PHE H 226 54.41 2.92 21.73
CA PHE H 226 53.81 2.28 20.56
C PHE H 226 52.52 2.97 20.11
N CYS H 227 52.41 3.17 18.79
CA CYS H 227 51.20 3.69 18.17
C CYS H 227 50.46 2.58 17.45
N ALA H 228 49.13 2.70 17.39
CA ALA H 228 48.29 1.69 16.73
C ALA H 228 47.00 2.25 16.14
N SER H 229 46.55 1.66 15.04
CA SER H 229 45.26 2.00 14.43
C SER H 229 44.31 0.80 14.48
N SER H 230 43.01 1.08 14.54
CA SER H 230 42.01 0.01 14.67
C SER H 230 40.89 0.06 13.65
N ASP H 231 40.73 -1.06 12.93
CA ASP H 231 39.69 -1.24 11.93
C ASP H 231 38.42 -1.77 12.60
N ALA H 232 38.58 -2.84 13.39
CA ALA H 232 37.49 -3.47 14.14
C ALA H 232 37.78 -3.41 15.65
N PRO H 233 36.75 -3.64 16.49
CA PRO H 233 36.92 -3.51 17.95
C PRO H 233 37.90 -4.53 18.55
N GLY H 234 38.99 -4.01 19.12
CA GLY H 234 40.01 -4.85 19.74
C GLY H 234 41.04 -5.39 18.75
N GLN H 235 40.85 -5.06 17.49
CA GLN H 235 41.79 -5.42 16.43
C GLN H 235 42.69 -4.23 16.14
N LEU H 236 43.94 -4.33 16.57
CA LEU H 236 44.89 -3.22 16.45
C LEU H 236 46.09 -3.58 15.58
N TYR H 237 46.48 -2.64 14.74
CA TYR H 237 47.69 -2.74 13.93
C TYR H 237 48.70 -1.75 14.48
N PHE H 238 49.80 -2.26 15.01
CA PHE H 238 50.79 -1.46 15.73
C PHE H 238 51.89 -0.90 14.83
N GLY H 239 52.73 -0.03 15.42
CA GLY H 239 53.89 0.56 14.74
C GLY H 239 55.20 -0.03 15.21
N GLU H 240 56.30 0.52 14.69
CA GLU H 240 57.63 -0.06 14.88
C GLU H 240 58.32 0.32 16.21
N GLY H 241 57.78 1.32 16.91
CA GLY H 241 58.22 1.64 18.27
C GLY H 241 59.04 2.91 18.45
N SER H 242 58.90 3.51 19.63
CA SER H 242 59.64 4.72 20.00
C SER H 242 60.39 4.52 21.32
N LYS H 243 61.70 4.67 21.28
CA LYS H 243 62.52 4.54 22.49
C LYS H 243 62.83 5.93 23.06
N LEU H 244 62.24 6.23 24.21
CA LEU H 244 62.48 7.50 24.88
C LEU H 244 63.30 7.29 26.14
N THR H 245 64.35 8.11 26.29
CA THR H 245 65.17 8.11 27.50
C THR H 245 65.34 9.54 28.00
N VAL H 246 64.69 9.82 29.13
CA VAL H 246 64.75 11.15 29.76
C VAL H 246 65.70 11.11 30.95
N LEU H 247 66.82 11.82 30.82
CA LEU H 247 67.92 11.83 31.80
C LEU H 247 67.63 12.69 33.03
N GLU H 248 68.10 12.23 34.18
CA GLU H 248 67.98 12.96 35.43
C GLU H 248 69.31 13.62 35.78
N LEU H 249 69.27 14.89 36.18
CA LEU H 249 70.48 15.63 36.53
C LEU H 249 70.97 15.35 37.94
#